data_1K8Y
#
_entry.id   1K8Y
#
_cell.length_a   183.142
_cell.length_b   60.465
_cell.length_c   67.440
_cell.angle_alpha   90.00
_cell.angle_beta   94.63
_cell.angle_gamma   90.00
#
_symmetry.space_group_name_H-M   'C 1 2 1'
#
loop_
_entity.id
_entity.type
_entity.pdbx_description
1 polymer 'TRYPTOPHAN SYNTHASE ALPHA CHAIN'
2 polymer 'TRYPTOPHAN SYNTHASE BETA CHAIN'
3 non-polymer 1,3-DIHYDROXYACETONEPHOSPHATE
4 non-polymer 'SODIUM ION'
5 non-polymer "PYRIDOXAL-5'-PHOSPHATE"
6 water water
#
loop_
_entity_poly.entity_id
_entity_poly.type
_entity_poly.pdbx_seq_one_letter_code
_entity_poly.pdbx_strand_id
1 'polypeptide(L)'
;MERYENLFAQLNDRREGAFVPFVTLGDPGIEQSLKIIDTLIDAGADALELGVPFSDPLADGPTIQNANLRAFAAGVTPAQ
CFEMLALIREKHPTIPIGLLMYANLVFNNGIDAFYARCEQVGVDSVLVADVPVEESAPFRQAALRHNIAPIFICPPNADD
DLLRQVASYGRGYTYLLSRSGVTGAENRGALPLHHLIEKLKEYHAAPALQGFGISSPEQVSAAVRAGAAGAISGSAIVKI
IEKNLASPKQMLAELRSFVSAMKAASRA
;
A
2 'polypeptide(L)'
;TTLLNPYFGEFGGMYVPQILMPALNQLEEAFVSAQKDPEFQAQFADLLKNYAGRPTALTKCQNITAGTRTTLYLKREDLL
HGGAHKTNQVLGQALLAKRMGKSEIIAETGAGQHGVASALASALLGLKCRIYMGAKDVERQSPNVFRMRLMGAEVIPVHS
GSATLKDACNEALRDWPGSYETAHYMLGTAAGPHPYPTIVREFQRMIGEETKAQILDKEGRLPDAVIACVGGGSNAIGMF
ADFINDTSVGLIGVEPGGHGIETGEHGAPLKHGRVGIYFGMKAPMMQTADGQIEESYSISAGLDFPSVGPQHAYLNSIGR
ADYVSITDDEALEAFKTLCRHEGIIPALESSHALAHALKMMREQPEKEQLLVVNLSGRGDKDIFTVHDILKARGEI
;
B
#
loop_
_chem_comp.id
_chem_comp.type
_chem_comp.name
_chem_comp.formula
13P non-polymer 1,3-DIHYDROXYACETONEPHOSPHATE 'C3 H7 O6 P'
NA non-polymer 'SODIUM ION' 'Na 1'
PLP non-polymer PYRIDOXAL-5'-PHOSPHATE 'C8 H10 N O6 P'
#
# COMPACT_ATOMS: atom_id res chain seq x y z
N MET A 1 -3.31 -34.17 -4.82
CA MET A 1 -3.24 -34.80 -3.43
C MET A 1 -4.57 -34.13 -2.90
N GLU A 2 -5.05 -34.61 -1.76
CA GLU A 2 -6.31 -34.21 -1.13
C GLU A 2 -5.95 -34.34 0.35
N ARG A 3 -4.79 -33.77 0.76
CA ARG A 3 -4.45 -33.92 2.16
C ARG A 3 -5.38 -33.35 3.16
N TYR A 4 -6.05 -32.16 2.92
CA TYR A 4 -7.00 -31.67 3.78
C TYR A 4 -8.34 -32.55 3.84
N GLU A 5 -8.75 -33.00 2.66
CA GLU A 5 -9.98 -33.84 2.66
C GLU A 5 -9.70 -35.12 3.51
N ASN A 6 -8.48 -35.65 3.34
CA ASN A 6 -8.08 -36.88 4.13
C ASN A 6 -8.08 -36.58 5.59
N LEU A 7 -7.47 -35.46 6.01
CA LEU A 7 -7.45 -35.06 7.36
C LEU A 7 -8.79 -34.86 7.98
N PHE A 8 -9.68 -34.12 7.30
CA PHE A 8 -10.91 -33.79 7.99
C PHE A 8 -11.77 -35.04 8.03
N ALA A 9 -11.60 -35.93 7.08
CA ALA A 9 -12.36 -37.26 7.23
C ALA A 9 -11.89 -38.00 8.42
N GLN A 10 -10.62 -38.10 8.69
CA GLN A 10 -9.99 -38.80 9.77
C GLN A 10 -10.45 -38.11 11.03
N LEU A 11 -10.45 -36.78 11.14
CA LEU A 11 -10.74 -36.20 12.35
C LEU A 11 -12.33 -36.33 12.57
N ASN A 12 -13.13 -36.43 11.47
CA ASN A 12 -14.61 -36.60 11.66
C ASN A 12 -14.78 -38.02 12.17
N ASP A 13 -13.94 -38.99 11.77
CA ASP A 13 -14.16 -40.41 12.15
C ASP A 13 -14.02 -40.39 13.65
N ARG A 14 -13.16 -39.56 14.29
CA ARG A 14 -12.90 -39.44 15.74
C ARG A 14 -13.65 -38.30 16.50
N ARG A 15 -14.58 -37.66 15.78
CA ARG A 15 -15.44 -36.49 16.32
C ARG A 15 -14.43 -35.53 16.99
N GLU A 16 -13.35 -35.11 16.24
CA GLU A 16 -12.24 -34.35 16.79
C GLU A 16 -12.09 -33.05 15.90
N GLY A 17 -11.74 -31.99 16.52
CA GLY A 17 -11.38 -30.81 15.72
C GLY A 17 -9.91 -30.81 15.41
N ALA A 18 -9.58 -29.97 14.33
CA ALA A 18 -8.14 -29.81 14.03
C ALA A 18 -7.56 -28.65 14.85
N PHE A 19 -6.31 -28.82 15.19
CA PHE A 19 -5.57 -27.68 15.83
C PHE A 19 -4.36 -27.37 14.88
N VAL A 20 -4.25 -26.08 14.39
CA VAL A 20 -3.36 -25.82 13.27
C VAL A 20 -2.54 -24.59 13.77
N PRO A 21 -1.33 -24.77 14.12
CA PRO A 21 -0.46 -23.67 14.41
C PRO A 21 0.14 -22.94 13.22
N PHE A 22 0.39 -21.67 13.40
CA PHE A 22 1.09 -20.86 12.48
C PHE A 22 2.46 -20.49 12.94
N VAL A 23 3.49 -20.54 12.08
CA VAL A 23 4.83 -19.90 12.38
C VAL A 23 5.33 -19.24 11.12
N THR A 24 6.23 -18.29 11.26
CA THR A 24 6.99 -17.71 10.12
C THR A 24 8.17 -18.60 9.79
N LEU A 25 8.32 -19.06 8.51
CA LEU A 25 9.50 -19.89 8.15
C LEU A 25 10.75 -19.11 8.39
N GLY A 26 11.74 -19.77 9.05
CA GLY A 26 12.99 -19.08 9.19
C GLY A 26 13.06 -18.34 10.40
N ASP A 27 12.07 -18.21 11.26
CA ASP A 27 12.20 -17.46 12.49
C ASP A 27 12.48 -18.46 13.69
N PRO A 28 13.56 -18.27 14.52
CA PRO A 28 14.53 -17.17 14.37
C PRO A 28 15.68 -17.48 13.51
N GLY A 29 15.77 -18.61 12.91
CA GLY A 29 16.75 -18.94 11.87
C GLY A 29 16.31 -20.28 11.23
N ILE A 30 16.94 -20.71 10.14
CA ILE A 30 16.41 -21.85 9.34
C ILE A 30 16.52 -23.09 10.25
N GLU A 31 17.66 -23.33 10.88
CA GLU A 31 17.78 -24.59 11.58
C GLU A 31 16.84 -24.68 12.77
N GLN A 32 16.62 -23.64 13.57
CA GLN A 32 15.83 -23.63 14.74
C GLN A 32 14.32 -23.73 14.25
N SER A 33 14.09 -23.08 13.06
CA SER A 33 12.70 -23.12 12.52
C SER A 33 12.24 -24.59 12.17
N LEU A 34 13.18 -25.23 11.57
CA LEU A 34 12.91 -26.61 11.15
C LEU A 34 12.70 -27.45 12.45
N LYS A 35 13.44 -27.26 13.59
CA LYS A 35 13.14 -27.96 14.86
C LYS A 35 11.89 -27.52 15.48
N ILE A 36 11.52 -26.19 15.39
CA ILE A 36 10.25 -25.77 15.93
C ILE A 36 9.12 -26.50 15.21
N ILE A 37 9.19 -26.55 13.90
CA ILE A 37 8.14 -27.18 13.13
C ILE A 37 8.01 -28.68 13.49
N ASP A 38 9.18 -29.34 13.58
CA ASP A 38 9.11 -30.80 13.91
C ASP A 38 8.50 -30.97 15.29
N THR A 39 8.79 -30.04 16.25
CA THR A 39 8.18 -30.09 17.61
C THR A 39 6.64 -29.88 17.57
N LEU A 40 6.21 -28.86 16.67
CA LEU A 40 4.78 -28.69 16.57
C LEU A 40 4.08 -29.92 16.12
N ILE A 41 4.69 -30.64 15.11
CA ILE A 41 4.00 -31.78 14.57
C ILE A 41 3.99 -32.88 15.71
N ASP A 42 5.17 -33.00 16.37
CA ASP A 42 5.23 -34.20 17.34
C ASP A 42 4.34 -33.94 18.51
N ALA A 43 4.04 -32.70 18.82
CA ALA A 43 3.20 -32.41 19.91
C ALA A 43 1.75 -32.46 19.56
N GLY A 44 1.42 -32.64 18.27
CA GLY A 44 0.01 -32.87 17.93
C GLY A 44 -0.66 -31.93 16.89
N ALA A 45 0.16 -31.11 16.24
CA ALA A 45 -0.51 -30.24 15.21
C ALA A 45 -1.13 -31.07 14.17
N ASP A 46 -2.37 -30.78 13.72
CA ASP A 46 -2.96 -31.57 12.65
C ASP A 46 -2.60 -31.08 11.26
N ALA A 47 -2.22 -29.75 11.16
CA ALA A 47 -1.83 -29.17 9.87
C ALA A 47 -1.01 -28.01 10.20
N LEU A 48 -0.29 -27.36 9.25
CA LEU A 48 0.58 -26.24 9.59
C LEU A 48 0.14 -25.11 8.68
N GLU A 49 0.25 -23.86 9.22
CA GLU A 49 0.18 -22.69 8.31
C GLU A 49 1.57 -22.02 8.44
N LEU A 50 2.19 -21.63 7.33
CA LEU A 50 3.58 -21.25 7.42
C LEU A 50 3.70 -19.93 6.61
N GLY A 51 4.35 -18.92 7.17
CA GLY A 51 4.51 -17.57 6.53
C GLY A 51 5.87 -17.49 5.84
N VAL A 52 5.85 -16.84 4.66
CA VAL A 52 7.12 -16.53 4.03
C VAL A 52 7.41 -15.04 4.34
N PRO A 53 8.60 -14.77 4.95
CA PRO A 53 8.86 -13.37 5.38
C PRO A 53 8.77 -12.42 4.17
N PHE A 54 7.99 -11.31 4.51
CA PHE A 54 7.78 -10.27 3.51
C PHE A 54 8.09 -8.93 4.26
N SER A 55 8.61 -8.06 3.44
CA SER A 55 9.11 -6.69 3.90
C SER A 55 7.89 -5.98 4.42
N ASP A 56 6.66 -6.08 3.94
CA ASP A 56 5.55 -5.20 4.33
C ASP A 56 4.27 -5.86 4.62
N PRO A 57 4.28 -6.57 5.75
CA PRO A 57 3.14 -7.48 6.02
C PRO A 57 2.00 -6.74 6.66
N LEU A 58 1.27 -6.00 5.76
CA LEU A 58 0.21 -5.01 6.08
C LEU A 58 -1.04 -5.61 6.65
N ALA A 59 -1.11 -6.98 6.80
CA ALA A 59 -2.27 -7.51 7.48
C ALA A 59 -1.91 -8.14 8.78
N ASP A 60 -0.69 -8.00 9.28
CA ASP A 60 -0.26 -8.69 10.43
C ASP A 60 -0.03 -7.75 11.65
N GLY A 61 -0.35 -8.16 12.90
CA GLY A 61 0.02 -7.33 14.02
C GLY A 61 1.43 -7.50 14.48
N PRO A 62 1.80 -6.86 15.60
CA PRO A 62 3.19 -6.72 16.01
C PRO A 62 3.91 -8.01 16.24
N THR A 63 3.20 -9.03 16.73
CA THR A 63 3.97 -10.27 17.04
C THR A 63 4.53 -10.88 15.74
N ILE A 64 3.63 -10.97 14.69
CA ILE A 64 4.16 -11.49 13.44
C ILE A 64 5.06 -10.51 12.71
N GLN A 65 4.80 -9.19 12.85
CA GLN A 65 5.76 -8.24 12.30
C GLN A 65 7.16 -8.54 12.77
N ASN A 66 7.26 -8.80 14.08
CA ASN A 66 8.55 -9.06 14.63
C ASN A 66 9.17 -10.46 14.26
N ALA A 67 8.27 -11.41 14.02
CA ALA A 67 8.76 -12.67 13.46
C ALA A 67 9.37 -12.48 12.16
N ASN A 68 8.74 -11.66 11.33
CA ASN A 68 9.38 -11.47 10.01
C ASN A 68 10.72 -10.72 10.18
N LEU A 69 10.72 -9.72 11.06
CA LEU A 69 12.05 -9.03 11.40
C LEU A 69 13.10 -9.99 11.79
N ARG A 70 12.78 -10.87 12.71
CA ARG A 70 13.77 -11.88 13.03
C ARG A 70 14.23 -12.79 11.85
N ALA A 71 13.26 -13.29 11.04
CA ALA A 71 13.69 -14.09 9.91
C ALA A 71 14.60 -13.31 8.97
N PHE A 72 14.27 -11.99 8.72
CA PHE A 72 15.16 -11.23 7.77
C PHE A 72 16.50 -10.99 8.42
N ALA A 73 16.45 -10.85 9.77
CA ALA A 73 17.85 -10.65 10.40
C ALA A 73 18.70 -11.88 10.15
N ALA A 74 18.03 -13.06 9.98
CA ALA A 74 18.79 -14.26 9.54
C ALA A 74 19.11 -14.59 8.07
N GLY A 75 18.68 -13.67 7.21
CA GLY A 75 19.00 -13.74 5.85
C GLY A 75 17.90 -14.61 5.19
N VAL A 76 16.74 -14.81 5.84
CA VAL A 76 15.77 -15.73 5.11
C VAL A 76 15.14 -15.11 3.87
N THR A 77 15.16 -15.91 2.79
CA THR A 77 14.55 -15.50 1.51
C THR A 77 13.43 -16.45 1.08
N PRO A 78 12.55 -16.13 0.13
CA PRO A 78 11.51 -17.06 -0.33
C PRO A 78 12.22 -18.24 -0.89
N ALA A 79 13.36 -18.20 -1.58
CA ALA A 79 13.89 -19.48 -2.13
C ALA A 79 14.33 -20.47 -1.07
N GLN A 80 14.81 -19.94 0.07
CA GLN A 80 15.26 -20.73 1.23
C GLN A 80 13.97 -21.27 1.89
N CYS A 81 12.86 -20.51 1.97
CA CYS A 81 11.68 -21.09 2.48
C CYS A 81 11.21 -22.29 1.65
N PHE A 82 11.31 -22.26 0.32
CA PHE A 82 10.85 -23.42 -0.49
C PHE A 82 11.81 -24.62 -0.28
N GLU A 83 13.07 -24.40 -0.07
CA GLU A 83 13.98 -25.53 0.32
C GLU A 83 13.50 -26.05 1.60
N MET A 84 13.20 -25.22 2.61
CA MET A 84 12.71 -25.70 3.90
C MET A 84 11.40 -26.57 3.67
N LEU A 85 10.50 -26.05 2.81
CA LEU A 85 9.23 -26.75 2.71
C LEU A 85 9.50 -28.17 2.12
N ALA A 86 10.43 -28.28 1.15
CA ALA A 86 10.62 -29.59 0.53
C ALA A 86 11.13 -30.54 1.62
N LEU A 87 11.93 -30.02 2.52
CA LEU A 87 12.55 -30.89 3.61
C LEU A 87 11.43 -31.32 4.51
N ILE A 88 10.52 -30.41 4.86
CA ILE A 88 9.51 -30.66 5.87
C ILE A 88 8.54 -31.69 5.28
N ARG A 89 8.16 -31.54 4.02
CA ARG A 89 7.34 -32.54 3.29
C ARG A 89 8.07 -33.91 3.23
N GLU A 90 9.33 -33.94 3.06
CA GLU A 90 9.98 -35.30 2.88
C GLU A 90 9.94 -35.92 4.24
N LYS A 91 9.87 -35.31 5.42
CA LYS A 91 9.83 -35.93 6.76
C LYS A 91 8.45 -36.28 7.16
N HIS A 92 7.45 -35.56 6.51
CA HIS A 92 6.17 -35.62 7.07
C HIS A 92 5.21 -35.75 5.84
N PRO A 93 4.88 -36.89 5.21
CA PRO A 93 4.11 -36.95 3.98
C PRO A 93 2.64 -36.69 4.17
N THR A 94 1.96 -36.74 5.24
CA THR A 94 0.54 -36.61 5.17
C THR A 94 0.05 -35.27 5.78
N ILE A 95 0.84 -34.53 6.55
CA ILE A 95 0.23 -33.39 7.26
C ILE A 95 -0.05 -32.31 6.19
N PRO A 96 -1.21 -31.72 6.30
CA PRO A 96 -1.38 -30.64 5.29
C PRO A 96 -0.51 -29.35 5.56
N ILE A 97 0.00 -28.78 4.52
CA ILE A 97 0.83 -27.64 4.77
C ILE A 97 0.26 -26.52 3.92
N GLY A 98 -0.08 -25.43 4.64
CA GLY A 98 -0.65 -24.19 3.93
C GLY A 98 0.43 -23.10 4.13
N LEU A 99 0.48 -22.24 3.05
CA LEU A 99 1.33 -21.02 3.11
C LEU A 99 0.35 -19.81 3.32
N LEU A 100 0.91 -18.86 4.03
CA LEU A 100 0.27 -17.49 4.15
C LEU A 100 1.22 -16.60 3.52
N MET A 101 0.79 -16.07 2.36
CA MET A 101 1.57 -15.24 1.52
C MET A 101 1.04 -13.83 1.29
N TYR A 102 1.98 -12.96 0.99
CA TYR A 102 1.52 -11.65 0.47
C TYR A 102 1.60 -11.67 -1.05
N ALA A 103 0.66 -10.91 -1.68
CA ALA A 103 0.60 -11.01 -3.15
C ALA A 103 1.77 -10.81 -3.90
N ASN A 104 2.60 -9.83 -3.45
CA ASN A 104 3.68 -9.56 -4.39
C ASN A 104 4.68 -10.76 -4.54
N LEU A 105 4.73 -11.52 -3.46
CA LEU A 105 5.65 -12.73 -3.51
C LEU A 105 5.09 -13.83 -4.41
N VAL A 106 3.75 -13.85 -4.61
CA VAL A 106 3.23 -14.85 -5.52
C VAL A 106 3.26 -14.35 -6.96
N PHE A 107 3.04 -12.99 -7.09
CA PHE A 107 2.99 -12.41 -8.45
C PHE A 107 4.36 -12.16 -9.13
N ASN A 108 5.33 -11.97 -8.26
CA ASN A 108 6.79 -11.66 -8.51
C ASN A 108 7.29 -12.13 -9.79
N ASN A 109 7.36 -13.40 -9.93
CA ASN A 109 7.98 -13.81 -11.06
C ASN A 109 7.08 -14.70 -11.67
N GLY A 110 5.77 -14.48 -11.43
CA GLY A 110 4.78 -15.14 -12.26
C GLY A 110 3.88 -16.09 -11.40
N ILE A 111 2.51 -15.86 -11.51
CA ILE A 111 1.62 -16.52 -10.57
C ILE A 111 1.59 -17.98 -10.90
N ASP A 112 1.46 -18.37 -12.18
CA ASP A 112 1.46 -19.82 -12.39
C ASP A 112 2.79 -20.43 -11.94
N ALA A 113 3.95 -19.82 -12.10
CA ALA A 113 5.22 -20.48 -11.63
C ALA A 113 5.18 -20.57 -10.09
N PHE A 114 4.57 -19.60 -9.36
CA PHE A 114 4.60 -19.71 -7.92
C PHE A 114 3.74 -20.94 -7.55
N TYR A 115 2.57 -21.10 -8.11
CA TYR A 115 1.79 -22.26 -7.70
C TYR A 115 2.44 -23.58 -8.22
N ALA A 116 3.08 -23.56 -9.32
CA ALA A 116 3.83 -24.82 -9.76
C ALA A 116 4.94 -25.10 -8.73
N ARG A 117 5.61 -24.13 -8.15
CA ARG A 117 6.68 -24.41 -7.20
C ARG A 117 6.09 -25.05 -5.93
N CYS A 118 4.93 -24.49 -5.50
CA CYS A 118 4.20 -25.06 -4.37
C CYS A 118 3.91 -26.61 -4.54
N GLU A 119 3.43 -26.81 -5.82
CA GLU A 119 2.93 -28.22 -6.09
C GLU A 119 4.23 -29.09 -6.01
N GLN A 120 5.33 -28.60 -6.54
CA GLN A 120 6.64 -29.45 -6.61
C GLN A 120 7.10 -29.72 -5.23
N VAL A 121 7.03 -28.80 -4.32
CA VAL A 121 7.54 -29.06 -2.97
C VAL A 121 6.51 -29.76 -2.06
N GLY A 122 5.24 -29.86 -2.44
CA GLY A 122 4.31 -30.55 -1.56
C GLY A 122 3.43 -29.81 -0.62
N VAL A 123 3.23 -28.51 -0.97
CA VAL A 123 2.35 -27.56 -0.26
C VAL A 123 0.93 -27.88 -0.69
N ASP A 124 0.05 -27.71 0.23
CA ASP A 124 -1.38 -28.08 -0.02
C ASP A 124 -2.31 -26.84 -0.24
N SER A 125 -1.96 -25.72 0.29
CA SER A 125 -2.93 -24.56 0.17
C SER A 125 -2.08 -23.30 0.29
N VAL A 126 -2.73 -22.24 -0.30
CA VAL A 126 -2.11 -20.94 -0.16
C VAL A 126 -3.24 -19.87 0.10
N LEU A 127 -3.03 -19.05 1.19
CA LEU A 127 -3.89 -17.91 1.51
C LEU A 127 -3.06 -16.68 1.16
N VAL A 128 -3.61 -15.84 0.19
CA VAL A 128 -2.87 -14.63 -0.07
C VAL A 128 -3.59 -13.49 0.68
N ALA A 129 -2.82 -12.88 1.59
CA ALA A 129 -3.48 -12.01 2.54
C ALA A 129 -4.17 -10.77 1.98
N ASP A 130 -3.68 -10.24 0.91
CA ASP A 130 -4.15 -9.05 0.34
C ASP A 130 -4.73 -9.24 -1.06
N VAL A 131 -5.28 -10.40 -1.24
CA VAL A 131 -6.07 -10.62 -2.48
C VAL A 131 -7.53 -10.91 -2.12
N PRO A 132 -8.45 -10.01 -2.16
CA PRO A 132 -9.83 -10.27 -1.85
C PRO A 132 -10.46 -11.10 -2.90
N VAL A 133 -11.66 -11.66 -2.67
CA VAL A 133 -12.24 -12.56 -3.70
C VAL A 133 -12.39 -11.84 -5.04
N GLU A 134 -12.68 -10.51 -4.96
CA GLU A 134 -12.81 -9.77 -6.16
C GLU A 134 -11.63 -9.68 -7.07
N GLU A 135 -10.43 -9.85 -6.51
CA GLU A 135 -9.21 -9.82 -7.31
C GLU A 135 -8.59 -11.21 -7.53
N SER A 136 -9.39 -12.23 -7.05
CA SER A 136 -8.70 -13.58 -6.91
C SER A 136 -8.62 -14.45 -8.10
N ALA A 137 -9.31 -14.10 -9.21
CA ALA A 137 -9.42 -15.09 -10.27
C ALA A 137 -8.09 -15.63 -10.78
N PRO A 138 -7.06 -14.86 -11.10
CA PRO A 138 -5.83 -15.55 -11.62
C PRO A 138 -5.18 -16.40 -10.54
N PHE A 139 -5.31 -16.06 -9.25
CA PHE A 139 -4.67 -16.82 -8.17
C PHE A 139 -5.40 -18.18 -7.98
N ARG A 140 -6.74 -18.04 -7.87
CA ARG A 140 -7.48 -19.32 -7.66
C ARG A 140 -7.36 -20.18 -8.80
N GLN A 141 -7.35 -19.71 -10.05
CA GLN A 141 -7.25 -20.61 -11.22
C GLN A 141 -5.91 -21.24 -11.33
N ALA A 142 -4.88 -20.47 -11.02
CA ALA A 142 -3.59 -21.09 -11.08
C ALA A 142 -3.44 -22.10 -9.95
N ALA A 143 -3.98 -21.84 -8.76
CA ALA A 143 -3.93 -22.78 -7.65
C ALA A 143 -4.62 -24.10 -8.05
N LEU A 144 -5.84 -24.03 -8.48
CA LEU A 144 -6.51 -25.21 -8.95
C LEU A 144 -5.75 -25.92 -10.06
N ARG A 145 -5.11 -25.29 -11.06
CA ARG A 145 -4.41 -26.09 -12.08
C ARG A 145 -3.27 -26.82 -11.46
N HIS A 146 -2.72 -26.37 -10.31
CA HIS A 146 -1.52 -27.08 -9.83
C HIS A 146 -1.95 -27.81 -8.61
N ASN A 147 -3.24 -28.13 -8.32
CA ASN A 147 -3.76 -28.98 -7.24
C ASN A 147 -3.38 -28.44 -5.91
N ILE A 148 -3.48 -27.12 -5.79
CA ILE A 148 -3.29 -26.34 -4.57
C ILE A 148 -4.60 -25.75 -4.19
N ALA A 149 -4.95 -25.80 -2.96
CA ALA A 149 -6.26 -25.23 -2.49
C ALA A 149 -6.06 -23.71 -2.34
N PRO A 150 -6.88 -22.87 -2.97
CA PRO A 150 -6.83 -21.42 -2.68
C PRO A 150 -7.73 -21.18 -1.41
N ILE A 151 -7.19 -20.58 -0.36
CA ILE A 151 -7.90 -20.33 0.84
C ILE A 151 -8.34 -18.85 0.81
N PHE A 152 -9.60 -18.69 1.26
CA PHE A 152 -10.16 -17.30 1.50
C PHE A 152 -10.58 -17.10 2.86
N ILE A 153 -10.43 -15.86 3.33
CA ILE A 153 -10.97 -15.43 4.62
C ILE A 153 -12.41 -15.02 4.50
N CYS A 154 -13.24 -15.53 5.39
CA CYS A 154 -14.65 -15.02 5.57
C CYS A 154 -14.65 -14.13 6.81
N PRO A 155 -14.82 -12.84 6.61
CA PRO A 155 -14.86 -11.77 7.63
C PRO A 155 -16.12 -11.95 8.37
N PRO A 156 -16.00 -11.36 9.51
CA PRO A 156 -17.01 -11.62 10.54
C PRO A 156 -18.40 -11.12 10.06
N ASN A 157 -18.41 -10.19 9.13
CA ASN A 157 -19.68 -9.53 8.82
C ASN A 157 -20.08 -9.88 7.37
N ALA A 158 -19.29 -10.71 6.78
CA ALA A 158 -19.53 -11.13 5.41
C ALA A 158 -21.02 -11.19 5.09
N ASP A 159 -21.40 -10.40 4.09
CA ASP A 159 -22.75 -10.50 3.57
C ASP A 159 -22.98 -11.79 2.77
N ASP A 160 -24.24 -12.11 2.38
CA ASP A 160 -24.58 -13.30 1.78
C ASP A 160 -23.85 -13.55 0.43
N ASP A 161 -23.73 -12.47 -0.40
CA ASP A 161 -23.03 -12.63 -1.63
C ASP A 161 -21.55 -13.08 -1.31
N LEU A 162 -20.91 -12.52 -0.30
CA LEU A 162 -19.54 -12.82 0.01
C LEU A 162 -19.50 -14.28 0.55
N LEU A 163 -20.44 -14.69 1.39
CA LEU A 163 -20.45 -16.11 1.78
C LEU A 163 -20.55 -17.05 0.67
N ARG A 164 -21.40 -16.73 -0.32
CA ARG A 164 -21.56 -17.65 -1.46
C ARG A 164 -20.27 -17.68 -2.30
N GLN A 165 -19.57 -16.51 -2.42
CA GLN A 165 -18.38 -16.53 -3.20
C GLN A 165 -17.21 -17.27 -2.45
N VAL A 166 -17.06 -17.00 -1.17
CA VAL A 166 -16.05 -17.83 -0.51
C VAL A 166 -16.32 -19.30 -0.58
N ALA A 167 -17.62 -19.65 -0.45
CA ALA A 167 -17.96 -21.03 -0.64
C ALA A 167 -17.57 -21.66 -1.91
N SER A 168 -17.78 -20.90 -2.95
CA SER A 168 -17.56 -21.43 -4.32
C SER A 168 -16.11 -21.45 -4.68
N TYR A 169 -15.38 -20.42 -4.26
CA TYR A 169 -14.01 -20.25 -4.69
C TYR A 169 -12.89 -20.94 -3.89
N GLY A 170 -13.16 -21.14 -2.61
CA GLY A 170 -12.16 -21.73 -1.71
C GLY A 170 -12.15 -23.25 -1.85
N ARG A 171 -11.07 -23.83 -1.37
CA ARG A 171 -10.95 -25.26 -1.19
C ARG A 171 -10.12 -25.50 0.00
N GLY A 172 -10.18 -26.72 0.47
CA GLY A 172 -9.27 -27.08 1.59
C GLY A 172 -9.87 -26.80 2.92
N TYR A 173 -9.82 -25.52 3.32
CA TYR A 173 -10.58 -25.05 4.43
C TYR A 173 -11.00 -23.61 4.15
N THR A 174 -11.96 -23.09 4.90
CA THR A 174 -12.39 -21.68 4.84
C THR A 174 -11.73 -21.02 6.02
N TYR A 175 -11.05 -19.92 5.97
CA TYR A 175 -10.46 -19.26 7.11
C TYR A 175 -11.49 -18.39 7.69
N LEU A 176 -12.04 -18.69 8.93
CA LEU A 176 -13.18 -17.87 9.37
C LEU A 176 -12.53 -17.01 10.35
N LEU A 177 -12.59 -15.72 10.07
CA LEU A 177 -11.83 -14.80 10.88
C LEU A 177 -12.75 -14.55 12.14
N SER A 178 -12.13 -14.27 13.26
CA SER A 178 -12.73 -14.45 14.60
C SER A 178 -13.37 -13.11 15.02
N PRO A 192 -20.02 -15.29 18.29
CA PRO A 192 -21.22 -15.87 17.63
C PRO A 192 -21.08 -16.14 16.12
N LEU A 193 -20.22 -17.10 15.81
CA LEU A 193 -19.96 -17.35 14.41
C LEU A 193 -21.03 -18.35 13.85
N HIS A 194 -22.00 -18.63 14.71
CA HIS A 194 -22.94 -19.72 14.51
C HIS A 194 -23.60 -19.54 13.13
N HIS A 195 -24.02 -18.33 12.84
CA HIS A 195 -24.65 -18.02 11.56
C HIS A 195 -23.65 -18.13 10.35
N LEU A 196 -22.42 -17.73 10.54
CA LEU A 196 -21.58 -17.63 9.35
C LEU A 196 -21.23 -19.13 9.18
N ILE A 197 -21.13 -19.94 10.24
CA ILE A 197 -20.70 -21.34 10.10
C ILE A 197 -21.79 -22.13 9.39
N GLU A 198 -23.07 -21.79 9.71
CA GLU A 198 -24.14 -22.64 9.12
C GLU A 198 -24.38 -22.29 7.66
N LYS A 199 -24.33 -20.99 7.40
CA LYS A 199 -24.34 -20.52 6.05
C LYS A 199 -23.17 -21.14 5.20
N LEU A 200 -21.94 -21.07 5.72
CA LEU A 200 -20.93 -21.80 5.00
C LEU A 200 -21.25 -23.24 4.69
N LYS A 201 -21.87 -24.02 5.65
CA LYS A 201 -22.16 -25.41 5.40
C LYS A 201 -23.28 -25.59 4.33
N GLU A 202 -24.19 -24.62 4.50
CA GLU A 202 -25.34 -24.53 3.56
C GLU A 202 -24.87 -24.44 2.18
N TYR A 203 -23.89 -23.52 1.93
CA TYR A 203 -23.29 -23.36 0.58
C TYR A 203 -22.18 -24.37 0.18
N HIS A 204 -21.94 -25.40 1.00
CA HIS A 204 -21.02 -26.41 0.77
C HIS A 204 -19.55 -25.84 0.68
N ALA A 205 -19.32 -24.97 1.55
CA ALA A 205 -17.91 -24.42 1.65
C ALA A 205 -16.94 -25.45 2.20
N ALA A 206 -15.65 -25.19 1.99
CA ALA A 206 -14.72 -25.98 2.63
C ALA A 206 -14.82 -25.80 4.11
N PRO A 207 -14.48 -26.86 4.85
CA PRO A 207 -14.71 -26.78 6.30
C PRO A 207 -14.00 -25.63 6.92
N ALA A 208 -14.62 -25.09 7.97
CA ALA A 208 -14.10 -23.82 8.55
C ALA A 208 -13.12 -23.99 9.62
N LEU A 209 -12.05 -23.21 9.62
CA LEU A 209 -11.07 -23.17 10.74
C LEU A 209 -11.16 -21.82 11.26
N GLN A 210 -11.41 -21.63 12.56
CA GLN A 210 -11.44 -20.32 13.16
C GLN A 210 -10.12 -19.80 13.43
N GLY A 211 -9.88 -18.55 13.05
CA GLY A 211 -8.56 -17.96 13.31
C GLY A 211 -8.58 -16.53 13.73
N PHE A 212 -7.49 -16.04 14.35
CA PHE A 212 -7.28 -14.68 15.01
C PHE A 212 -7.59 -14.68 16.49
N GLY A 213 -6.56 -14.41 17.24
CA GLY A 213 -6.88 -14.42 18.68
C GLY A 213 -6.89 -15.86 19.37
N ILE A 214 -6.76 -17.00 18.64
CA ILE A 214 -7.03 -18.19 19.44
C ILE A 214 -5.74 -18.43 20.25
N SER A 215 -5.77 -18.33 21.60
CA SER A 215 -4.57 -18.55 22.37
C SER A 215 -4.69 -19.45 23.63
N SER A 216 -5.81 -20.10 23.83
CA SER A 216 -6.06 -20.91 25.03
C SER A 216 -6.94 -22.09 24.66
N PRO A 217 -6.87 -23.18 25.35
CA PRO A 217 -7.67 -24.29 25.08
C PRO A 217 -9.09 -24.11 25.08
N GLU A 218 -9.62 -23.27 25.93
CA GLU A 218 -11.10 -23.16 25.92
C GLU A 218 -11.56 -22.57 24.58
N GLN A 219 -10.66 -21.83 23.89
CA GLN A 219 -11.23 -21.38 22.62
C GLN A 219 -11.25 -22.38 21.55
N VAL A 220 -10.38 -23.35 21.61
CA VAL A 220 -10.34 -24.39 20.69
C VAL A 220 -11.68 -25.26 20.76
N SER A 221 -11.94 -25.55 22.09
CA SER A 221 -13.22 -26.18 22.39
C SER A 221 -14.46 -25.45 21.96
N ALA A 222 -14.30 -24.20 22.15
CA ALA A 222 -15.50 -23.32 21.83
C ALA A 222 -15.69 -23.34 20.23
N ALA A 223 -14.57 -23.26 19.52
CA ALA A 223 -14.71 -23.11 18.00
C ALA A 223 -15.28 -24.42 17.54
N VAL A 224 -14.87 -25.58 18.05
CA VAL A 224 -15.43 -26.81 17.62
C VAL A 224 -16.93 -27.06 17.94
N ARG A 225 -17.30 -26.65 19.15
CA ARG A 225 -18.73 -26.60 19.57
C ARG A 225 -19.61 -25.75 18.75
N ALA A 226 -19.13 -24.54 18.33
CA ALA A 226 -19.86 -23.62 17.41
C ALA A 226 -20.00 -24.34 16.07
N GLY A 227 -19.29 -25.40 15.75
CA GLY A 227 -19.48 -26.03 14.45
C GLY A 227 -18.28 -25.89 13.46
N ALA A 228 -17.23 -25.20 13.94
CA ALA A 228 -16.09 -25.13 13.06
C ALA A 228 -15.34 -26.47 13.05
N ALA A 229 -14.51 -26.81 12.04
CA ALA A 229 -13.76 -28.01 12.01
C ALA A 229 -12.51 -27.94 12.81
N GLY A 230 -12.20 -26.74 13.32
CA GLY A 230 -10.97 -26.58 14.02
C GLY A 230 -10.55 -25.17 14.23
N ALA A 231 -9.32 -24.97 14.73
CA ALA A 231 -8.85 -23.64 15.02
C ALA A 231 -7.44 -23.47 14.68
N ILE A 232 -7.09 -22.19 14.16
CA ILE A 232 -5.65 -21.86 13.96
C ILE A 232 -5.10 -20.91 14.95
N SER A 233 -3.85 -21.06 15.43
CA SER A 233 -3.23 -20.12 16.37
C SER A 233 -1.84 -19.80 15.85
N GLY A 234 -1.55 -18.53 15.83
CA GLY A 234 -0.18 -18.09 15.38
C GLY A 234 0.46 -17.19 16.33
N SER A 235 -0.09 -16.00 16.60
CA SER A 235 0.66 -15.18 17.53
C SER A 235 0.99 -15.88 18.79
N ALA A 236 0.05 -16.70 19.33
CA ALA A 236 0.43 -17.33 20.57
C ALA A 236 1.58 -18.26 20.44
N ILE A 237 1.75 -18.93 19.25
CA ILE A 237 2.87 -19.81 19.13
C ILE A 237 4.11 -18.89 18.97
N VAL A 238 3.91 -17.81 18.15
CA VAL A 238 5.14 -16.99 17.81
C VAL A 238 5.65 -16.26 19.13
N LYS A 239 4.71 -15.89 19.99
CA LYS A 239 5.22 -15.26 21.27
C LYS A 239 6.07 -16.22 22.07
N ILE A 240 5.76 -17.55 22.04
CA ILE A 240 6.67 -18.50 22.73
C ILE A 240 8.04 -18.49 22.18
N ILE A 241 8.21 -18.32 20.83
CA ILE A 241 9.54 -18.24 20.19
C ILE A 241 10.18 -16.98 20.72
N GLU A 242 9.38 -15.91 20.71
CA GLU A 242 9.88 -14.54 20.96
C GLU A 242 10.43 -14.57 22.39
N LYS A 243 9.62 -15.14 23.27
CA LYS A 243 10.02 -15.20 24.75
C LYS A 243 11.27 -15.96 25.13
N ASN A 244 11.71 -16.91 24.28
CA ASN A 244 12.66 -17.99 24.56
C ASN A 244 13.86 -17.98 23.65
N LEU A 245 14.14 -16.80 23.04
CA LEU A 245 15.18 -16.83 22.04
C LEU A 245 16.58 -17.26 22.52
N ALA A 246 16.90 -16.91 23.76
CA ALA A 246 18.28 -17.25 24.16
C ALA A 246 18.32 -18.57 24.87
N SER A 247 17.16 -19.31 24.87
CA SER A 247 17.18 -20.67 25.35
C SER A 247 16.33 -21.52 24.33
N PRO A 248 17.02 -21.91 23.26
CA PRO A 248 16.39 -22.74 22.23
C PRO A 248 15.77 -24.03 22.82
N LYS A 249 16.39 -24.66 23.85
CA LYS A 249 15.82 -25.92 24.36
C LYS A 249 14.58 -25.57 25.19
N GLN A 250 14.62 -24.53 26.04
CA GLN A 250 13.37 -24.08 26.68
C GLN A 250 12.24 -23.77 25.64
N MET A 251 12.71 -23.22 24.54
CA MET A 251 11.70 -22.81 23.46
C MET A 251 10.93 -24.05 22.99
N LEU A 252 11.65 -25.11 22.67
CA LEU A 252 11.03 -26.35 22.22
C LEU A 252 10.16 -26.92 23.24
N ALA A 253 10.53 -26.84 24.53
CA ALA A 253 9.69 -27.46 25.53
C ALA A 253 8.44 -26.72 25.77
N GLU A 254 8.48 -25.41 25.76
CA GLU A 254 7.27 -24.69 26.00
C GLU A 254 6.24 -24.72 24.75
N LEU A 255 6.83 -24.70 23.57
CA LEU A 255 6.01 -25.02 22.35
C LEU A 255 5.37 -26.35 22.44
N ARG A 256 6.10 -27.42 22.87
CA ARG A 256 5.48 -28.72 23.03
C ARG A 256 4.37 -28.69 24.02
N SER A 257 4.56 -28.10 25.22
CA SER A 257 3.49 -27.98 26.24
C SER A 257 2.26 -27.24 25.72
N PHE A 258 2.45 -26.09 25.06
CA PHE A 258 1.29 -25.40 24.46
C PHE A 258 0.54 -26.15 23.39
N VAL A 259 1.25 -26.67 22.38
CA VAL A 259 0.50 -27.40 21.39
C VAL A 259 -0.22 -28.62 21.93
N SER A 260 0.44 -29.42 22.81
CA SER A 260 -0.22 -30.59 23.33
C SER A 260 -1.51 -30.15 24.02
N ALA A 261 -1.47 -29.06 24.74
CA ALA A 261 -2.74 -28.55 25.41
C ALA A 261 -3.80 -28.16 24.49
N MET A 262 -3.35 -27.44 23.44
CA MET A 262 -4.36 -26.96 22.50
C MET A 262 -4.91 -28.08 21.73
N LYS A 263 -4.06 -29.09 21.28
CA LYS A 263 -4.71 -30.14 20.56
C LYS A 263 -5.59 -30.98 21.50
N ALA A 264 -5.24 -31.13 22.80
CA ALA A 264 -6.12 -31.97 23.64
C ALA A 264 -7.52 -31.35 23.73
N ALA A 265 -7.63 -30.05 23.68
CA ALA A 265 -8.97 -29.33 23.69
C ALA A 265 -9.86 -29.61 22.52
N SER A 266 -9.27 -30.21 21.50
CA SER A 266 -9.98 -30.43 20.27
C SER A 266 -10.59 -31.81 20.16
N ARG A 267 -10.16 -32.69 21.12
CA ARG A 267 -10.57 -34.14 21.15
C ARG A 267 -11.99 -34.22 21.73
N ALA A 268 -12.76 -35.22 21.27
CA ALA A 268 -14.11 -35.42 21.88
C ALA A 268 -14.08 -36.25 23.23
N THR B 1 -17.46 -6.03 -7.05
CA THR B 1 -18.51 -5.18 -7.81
C THR B 1 -18.18 -3.75 -7.39
N THR B 2 -18.08 -2.93 -8.46
CA THR B 2 -17.88 -1.45 -8.21
C THR B 2 -18.63 -0.58 -9.15
N LEU B 3 -18.76 0.71 -8.73
CA LEU B 3 -19.45 1.60 -9.62
C LEU B 3 -18.70 2.14 -10.78
N LEU B 4 -17.32 2.19 -10.45
CA LEU B 4 -16.37 2.84 -11.35
C LEU B 4 -15.28 1.81 -11.63
N ASN B 5 -14.60 1.97 -12.72
CA ASN B 5 -13.52 1.00 -13.08
C ASN B 5 -12.32 1.09 -12.15
N PRO B 6 -11.88 0.06 -11.44
CA PRO B 6 -10.73 0.21 -10.51
C PRO B 6 -9.40 0.09 -11.26
N TYR B 7 -9.42 -0.15 -12.57
CA TYR B 7 -8.11 -0.28 -13.27
C TYR B 7 -7.98 0.70 -14.34
N PHE B 8 -6.67 0.93 -14.62
CA PHE B 8 -6.21 1.77 -15.82
C PHE B 8 -5.34 0.82 -16.65
N GLY B 9 -6.06 0.20 -17.61
CA GLY B 9 -5.37 -0.93 -18.32
C GLY B 9 -5.04 -2.04 -17.29
N GLU B 10 -3.79 -2.51 -17.22
CA GLU B 10 -3.47 -3.57 -16.31
C GLU B 10 -3.26 -3.11 -14.85
N PHE B 11 -3.18 -1.76 -14.72
CA PHE B 11 -2.68 -1.26 -13.45
C PHE B 11 -3.78 -0.79 -12.50
N GLY B 12 -3.60 -0.94 -11.18
CA GLY B 12 -4.60 -0.47 -10.26
C GLY B 12 -5.14 -1.60 -9.43
N GLY B 13 -6.48 -1.57 -9.34
CA GLY B 13 -7.14 -2.65 -8.55
C GLY B 13 -7.39 -2.35 -7.06
N MET B 14 -7.79 -3.44 -6.35
CA MET B 14 -8.16 -3.30 -4.92
C MET B 14 -7.49 -4.46 -4.18
N TYR B 15 -6.16 -4.49 -4.01
CA TYR B 15 -5.50 -5.64 -3.37
C TYR B 15 -5.34 -5.36 -1.88
N VAL B 16 -6.50 -5.49 -1.23
CA VAL B 16 -6.44 -5.32 0.26
C VAL B 16 -7.04 -6.59 0.85
N PRO B 17 -6.78 -6.80 2.15
CA PRO B 17 -7.52 -7.81 2.81
C PRO B 17 -8.95 -7.78 2.69
N GLN B 18 -9.69 -8.90 2.65
CA GLN B 18 -11.12 -8.84 2.54
C GLN B 18 -11.83 -7.90 3.54
N ILE B 19 -11.29 -7.91 4.77
CA ILE B 19 -12.04 -7.14 5.78
C ILE B 19 -12.04 -5.63 5.41
N LEU B 20 -11.14 -5.13 4.51
CA LEU B 20 -11.10 -3.69 4.11
C LEU B 20 -12.03 -3.46 2.91
N MET B 21 -12.58 -4.46 2.18
CA MET B 21 -13.34 -4.13 1.01
C MET B 21 -14.56 -3.27 1.40
N PRO B 22 -15.29 -3.55 2.45
CA PRO B 22 -16.49 -2.71 2.62
C PRO B 22 -16.14 -1.20 2.79
N ALA B 23 -15.03 -0.90 3.50
CA ALA B 23 -14.58 0.50 3.60
C ALA B 23 -14.33 1.10 2.16
N LEU B 24 -13.65 0.33 1.32
CA LEU B 24 -13.50 0.92 -0.08
C LEU B 24 -14.75 1.05 -0.83
N ASN B 25 -15.67 0.12 -0.73
CA ASN B 25 -16.92 0.24 -1.52
C ASN B 25 -17.78 1.38 -0.93
N GLN B 26 -17.77 1.53 0.35
CA GLN B 26 -18.53 2.64 0.95
C GLN B 26 -17.93 3.99 0.47
N LEU B 27 -16.62 4.04 0.39
CA LEU B 27 -15.99 5.35 0.04
C LEU B 27 -16.27 5.63 -1.38
N GLU B 28 -16.20 4.61 -2.25
CA GLU B 28 -16.54 4.78 -3.68
C GLU B 28 -17.97 5.32 -3.82
N GLU B 29 -18.91 4.68 -3.08
CA GLU B 29 -20.29 5.07 -3.31
C GLU B 29 -20.44 6.54 -2.80
N ALA B 30 -19.85 6.89 -1.67
CA ALA B 30 -19.94 8.31 -1.19
C ALA B 30 -19.38 9.32 -2.15
N PHE B 31 -18.20 8.92 -2.71
CA PHE B 31 -17.61 9.80 -3.70
C PHE B 31 -18.48 9.98 -5.00
N VAL B 32 -19.07 8.92 -5.55
CA VAL B 32 -19.92 9.09 -6.78
C VAL B 32 -21.09 9.95 -6.35
N SER B 33 -21.61 9.78 -5.18
CA SER B 33 -22.71 10.72 -4.70
C SER B 33 -22.28 12.12 -4.56
N ALA B 34 -21.17 12.36 -3.92
CA ALA B 34 -20.78 13.73 -3.77
C ALA B 34 -20.44 14.37 -5.10
N GLN B 35 -19.85 13.68 -6.10
CA GLN B 35 -19.52 14.30 -7.36
C GLN B 35 -20.80 14.76 -8.11
N LYS B 36 -21.94 14.22 -7.77
CA LYS B 36 -23.15 14.70 -8.46
C LYS B 36 -23.87 15.67 -7.52
N ASP B 37 -23.39 16.03 -6.36
CA ASP B 37 -24.28 16.67 -5.36
C ASP B 37 -24.02 18.17 -5.39
N PRO B 38 -24.75 19.10 -5.88
CA PRO B 38 -24.15 20.49 -6.12
C PRO B 38 -23.82 21.14 -4.87
N GLU B 39 -24.35 20.81 -3.79
CA GLU B 39 -24.02 21.37 -2.49
C GLU B 39 -22.61 20.98 -2.08
N PHE B 40 -22.24 19.73 -2.33
CA PHE B 40 -20.83 19.29 -1.96
C PHE B 40 -19.94 20.05 -2.91
N GLN B 41 -20.18 20.28 -4.16
CA GLN B 41 -19.28 20.95 -4.99
C GLN B 41 -19.21 22.38 -4.53
N ALA B 42 -20.26 22.98 -4.10
CA ALA B 42 -20.10 24.43 -3.72
C ALA B 42 -19.41 24.52 -2.37
N GLN B 43 -19.46 23.62 -1.38
CA GLN B 43 -18.76 23.68 -0.12
C GLN B 43 -17.19 23.48 -0.46
N PHE B 44 -16.92 22.57 -1.36
CA PHE B 44 -15.47 22.35 -1.68
C PHE B 44 -14.96 23.57 -2.39
N ALA B 45 -15.70 24.09 -3.44
CA ALA B 45 -15.14 25.29 -4.06
C ALA B 45 -14.99 26.47 -3.03
N ASP B 46 -15.94 26.61 -2.07
CA ASP B 46 -15.77 27.76 -1.22
C ASP B 46 -14.54 27.51 -0.36
N LEU B 47 -14.26 26.33 0.18
CA LEU B 47 -13.06 26.23 0.95
C LEU B 47 -11.79 26.49 0.08
N LEU B 48 -11.80 25.98 -1.18
CA LEU B 48 -10.56 26.08 -2.00
C LEU B 48 -10.40 27.62 -2.25
N LYS B 49 -11.46 28.44 -2.44
CA LYS B 49 -11.24 29.87 -2.76
C LYS B 49 -10.92 30.61 -1.46
N ASN B 50 -11.71 30.44 -0.42
CA ASN B 50 -11.64 31.45 0.69
C ASN B 50 -10.81 30.98 1.79
N TYR B 51 -10.44 29.71 1.87
CA TYR B 51 -9.54 29.17 2.81
C TYR B 51 -8.18 28.86 2.28
N ALA B 52 -8.19 28.19 1.11
CA ALA B 52 -6.87 27.77 0.60
C ALA B 52 -6.24 28.80 -0.37
N GLY B 53 -7.03 29.70 -0.94
CA GLY B 53 -6.47 30.81 -1.81
C GLY B 53 -6.58 30.42 -3.29
N ARG B 54 -7.41 29.50 -3.76
CA ARG B 54 -7.56 29.32 -5.22
C ARG B 54 -8.25 30.39 -5.82
N PRO B 55 -8.08 30.73 -7.13
CA PRO B 55 -7.10 30.07 -8.01
C PRO B 55 -5.71 30.60 -7.69
N THR B 56 -4.73 29.75 -7.95
CA THR B 56 -3.36 30.14 -7.84
C THR B 56 -2.85 30.70 -9.16
N ALA B 57 -1.86 31.64 -9.04
CA ALA B 57 -1.31 32.36 -10.25
C ALA B 57 -0.66 31.42 -11.17
N LEU B 58 -0.50 31.91 -12.40
CA LEU B 58 0.32 31.25 -13.45
C LEU B 58 1.36 32.32 -13.77
N THR B 59 2.61 32.16 -13.48
CA THR B 59 3.64 33.17 -13.56
C THR B 59 4.47 32.88 -14.73
N LYS B 60 4.61 33.96 -15.64
CA LYS B 60 5.70 33.77 -16.74
C LYS B 60 7.04 34.09 -16.20
N CYS B 61 7.98 33.29 -16.62
CA CYS B 61 9.36 33.47 -16.21
C CYS B 61 10.26 33.92 -17.33
N GLN B 62 10.17 35.14 -17.68
CA GLN B 62 11.06 35.72 -18.78
C GLN B 62 12.56 35.77 -18.40
N ASN B 63 13.02 35.96 -17.13
CA ASN B 63 14.49 35.94 -16.92
C ASN B 63 15.14 34.63 -17.18
N ILE B 64 14.46 33.52 -16.90
CA ILE B 64 15.11 32.16 -17.06
C ILE B 64 15.24 31.86 -18.55
N THR B 65 14.35 32.31 -19.33
CA THR B 65 14.24 31.81 -20.77
C THR B 65 14.97 32.79 -21.68
N ALA B 66 15.67 33.85 -21.18
CA ALA B 66 16.18 34.88 -22.13
C ALA B 66 17.28 34.24 -23.03
N GLY B 67 17.10 34.74 -24.23
CA GLY B 67 18.02 34.34 -25.28
C GLY B 67 17.72 32.97 -25.92
N THR B 68 16.55 32.50 -25.58
CA THR B 68 16.00 31.28 -26.21
C THR B 68 14.61 31.43 -26.73
N ARG B 69 14.05 30.42 -27.42
CA ARG B 69 12.69 30.52 -27.97
C ARG B 69 11.73 29.70 -27.10
N THR B 70 12.13 29.43 -25.87
CA THR B 70 11.21 28.81 -24.84
C THR B 70 10.39 29.92 -24.10
N THR B 71 9.08 29.77 -24.00
CA THR B 71 8.30 30.63 -23.06
C THR B 71 7.87 29.68 -21.96
N LEU B 72 8.24 30.02 -20.70
CA LEU B 72 7.93 29.08 -19.53
C LEU B 72 7.02 29.78 -18.54
N TYR B 73 5.97 29.13 -18.16
CA TYR B 73 5.11 29.54 -17.06
C TYR B 73 5.19 28.50 -15.98
N LEU B 74 5.02 29.03 -14.77
CA LEU B 74 4.98 28.18 -13.54
C LEU B 74 3.58 28.24 -12.90
N LYS B 75 2.96 27.07 -12.75
CA LYS B 75 1.62 27.06 -12.06
C LYS B 75 1.99 27.03 -10.55
N ARG B 76 1.45 28.11 -9.84
CA ARG B 76 1.90 28.43 -8.52
C ARG B 76 1.27 27.73 -7.35
N GLU B 77 1.38 26.42 -7.29
CA GLU B 77 0.83 25.71 -6.17
C GLU B 77 1.59 26.04 -4.92
N ASP B 78 2.81 26.61 -5.03
CA ASP B 78 3.59 27.05 -3.86
C ASP B 78 2.84 28.13 -3.09
N LEU B 79 1.85 28.82 -3.76
CA LEU B 79 1.13 29.92 -3.08
C LEU B 79 -0.08 29.32 -2.47
N LEU B 80 -0.43 28.08 -2.55
CA LEU B 80 -1.59 27.56 -1.87
C LEU B 80 -1.45 27.46 -0.38
N HIS B 81 -2.45 27.67 0.46
CA HIS B 81 -2.32 27.52 1.85
C HIS B 81 -1.64 26.21 2.23
N GLY B 82 -0.65 26.21 3.09
CA GLY B 82 0.14 24.99 3.42
C GLY B 82 1.44 24.90 2.64
N GLY B 83 1.53 25.64 1.50
CA GLY B 83 2.75 25.66 0.67
C GLY B 83 2.79 24.54 -0.33
N ALA B 84 1.83 23.72 -0.54
CA ALA B 84 1.99 22.73 -1.63
C ALA B 84 0.63 22.37 -2.03
N HIS B 85 0.53 21.70 -3.21
CA HIS B 85 -0.73 21.26 -3.78
C HIS B 85 -1.54 20.28 -2.93
N LYS B 86 -0.88 19.67 -1.94
CA LYS B 86 -1.56 18.58 -1.16
C LYS B 86 -2.79 19.14 -0.46
N THR B 87 -2.84 20.45 -0.15
CA THR B 87 -4.05 20.95 0.44
C THR B 87 -5.33 20.74 -0.38
N ASN B 88 -5.23 20.82 -1.67
CA ASN B 88 -6.48 20.76 -2.40
C ASN B 88 -7.19 19.49 -2.05
N GLN B 89 -6.59 18.31 -2.12
CA GLN B 89 -7.32 17.05 -2.12
C GLN B 89 -7.62 16.68 -0.62
N VAL B 90 -6.84 17.14 0.33
CA VAL B 90 -7.20 16.85 1.71
C VAL B 90 -8.52 17.45 2.13
N LEU B 91 -8.81 18.67 1.62
CA LEU B 91 -10.04 19.41 1.88
C LEU B 91 -11.18 18.59 1.31
N GLY B 92 -11.06 18.09 0.08
CA GLY B 92 -12.10 17.28 -0.53
C GLY B 92 -12.35 15.95 0.27
N GLN B 93 -11.16 15.32 0.58
CA GLN B 93 -11.35 14.07 1.33
C GLN B 93 -12.02 14.22 2.70
N ALA B 94 -11.66 15.30 3.37
CA ALA B 94 -12.19 15.70 4.71
C ALA B 94 -13.67 15.92 4.53
N LEU B 95 -14.11 16.65 3.45
CA LEU B 95 -15.57 16.82 3.30
C LEU B 95 -16.22 15.54 2.99
N LEU B 96 -15.58 14.60 2.24
CA LEU B 96 -16.13 13.25 2.00
C LEU B 96 -16.19 12.52 3.38
N ALA B 97 -15.25 12.64 4.22
CA ALA B 97 -15.38 11.93 5.53
C ALA B 97 -16.62 12.43 6.20
N LYS B 98 -16.77 13.74 6.22
CA LYS B 98 -17.96 14.24 7.00
C LYS B 98 -19.16 13.81 6.28
N ARG B 99 -19.23 13.68 4.95
CA ARG B 99 -20.49 13.33 4.39
C ARG B 99 -20.84 11.87 4.72
N MET B 100 -19.88 11.03 5.01
CA MET B 100 -20.14 9.69 5.38
C MET B 100 -20.42 9.56 6.92
N GLY B 101 -20.45 10.73 7.60
CA GLY B 101 -20.53 10.72 9.11
C GLY B 101 -19.43 10.26 9.85
N LYS B 102 -18.16 10.40 9.36
CA LYS B 102 -17.05 9.97 10.10
C LYS B 102 -16.57 11.19 10.90
N SER B 103 -15.90 10.86 12.03
CA SER B 103 -15.41 11.93 12.98
C SER B 103 -13.92 11.91 13.10
N GLU B 104 -13.30 10.92 12.53
CA GLU B 104 -11.84 10.74 12.73
C GLU B 104 -11.10 10.52 11.32
N ILE B 105 -9.85 10.96 11.27
CA ILE B 105 -9.02 10.88 9.99
C ILE B 105 -7.78 10.18 10.41
N ILE B 106 -7.40 9.18 9.54
CA ILE B 106 -6.12 8.41 9.56
C ILE B 106 -5.33 8.90 8.35
N ALA B 107 -4.04 9.30 8.51
CA ALA B 107 -3.14 9.57 7.36
C ALA B 107 -1.79 9.09 7.55
N GLU B 108 -1.16 8.77 6.45
CA GLU B 108 0.29 8.46 6.52
C GLU B 108 1.14 9.57 6.02
N THR B 109 2.44 9.70 6.40
CA THR B 109 3.17 10.73 5.67
C THR B 109 4.65 10.31 5.89
N GLY B 110 5.45 10.85 4.98
CA GLY B 110 6.89 10.56 4.81
C GLY B 110 7.67 11.83 5.18
N ALA B 111 7.75 12.78 4.29
CA ALA B 111 8.50 14.03 4.57
C ALA B 111 7.63 14.90 5.48
N GLY B 112 6.31 14.59 5.66
CA GLY B 112 5.58 15.33 6.62
C GLY B 112 4.54 16.28 5.97
N GLN B 113 4.67 16.59 4.71
CA GLN B 113 3.77 17.58 4.12
C GLN B 113 2.35 17.09 4.05
N HIS B 114 2.10 15.82 3.65
CA HIS B 114 0.72 15.31 3.72
C HIS B 114 0.17 15.27 5.15
N GLY B 115 0.98 14.98 6.12
CA GLY B 115 0.55 14.98 7.54
C GLY B 115 0.10 16.36 7.92
N VAL B 116 0.88 17.37 7.59
CA VAL B 116 0.46 18.73 7.88
C VAL B 116 -0.74 19.10 7.18
N ALA B 117 -0.94 18.76 5.87
CA ALA B 117 -2.12 19.04 5.19
C ALA B 117 -3.35 18.41 5.87
N SER B 118 -3.23 17.19 6.30
CA SER B 118 -4.31 16.47 6.76
C SER B 118 -4.60 17.06 8.09
N ALA B 119 -3.55 17.46 8.88
CA ALA B 119 -3.83 18.02 10.21
C ALA B 119 -4.47 19.37 9.97
N LEU B 120 -4.10 20.20 9.04
CA LEU B 120 -4.82 21.52 8.88
C LEU B 120 -6.24 21.29 8.50
N ALA B 121 -6.53 20.38 7.63
CA ALA B 121 -7.90 20.22 7.18
C ALA B 121 -8.75 19.64 8.32
N SER B 122 -8.09 18.76 9.10
CA SER B 122 -8.89 18.17 10.23
C SER B 122 -9.16 19.29 11.29
N ALA B 123 -8.19 20.20 11.53
CA ALA B 123 -8.47 21.27 12.51
C ALA B 123 -9.57 22.11 11.96
N LEU B 124 -9.57 22.51 10.73
CA LEU B 124 -10.65 23.41 10.21
C LEU B 124 -12.03 22.77 10.23
N LEU B 125 -12.08 21.48 9.96
CA LEU B 125 -13.34 20.79 9.77
C LEU B 125 -13.78 19.97 10.99
N GLY B 126 -13.08 19.98 12.06
CA GLY B 126 -13.47 19.44 13.40
C GLY B 126 -13.42 17.88 13.33
N LEU B 127 -12.42 17.33 12.70
CA LEU B 127 -12.10 15.94 12.67
C LEU B 127 -10.96 15.63 13.54
N LYS B 128 -11.02 14.48 14.18
CA LYS B 128 -9.88 14.07 15.00
C LYS B 128 -8.82 13.32 14.26
N CYS B 129 -7.62 13.80 14.15
CA CYS B 129 -6.66 13.33 13.16
C CYS B 129 -5.56 12.64 13.81
N ARG B 130 -5.39 11.40 13.35
CA ARG B 130 -4.11 10.73 13.72
C ARG B 130 -3.25 10.36 12.47
N ILE B 131 -1.90 10.56 12.65
CA ILE B 131 -1.05 10.36 11.53
C ILE B 131 0.01 9.32 11.98
N TYR B 132 0.24 8.48 10.94
CA TYR B 132 1.35 7.54 11.07
C TYR B 132 2.56 8.04 10.29
N MET B 133 3.73 7.95 10.89
CA MET B 133 4.97 8.42 10.23
C MET B 133 6.08 7.45 10.76
N GLY B 134 6.78 6.97 9.77
CA GLY B 134 7.99 6.13 10.09
C GLY B 134 8.82 6.81 11.12
N ALA B 135 9.32 6.06 12.06
CA ALA B 135 10.15 6.80 13.10
C ALA B 135 11.44 7.43 12.52
N LYS B 136 12.06 6.90 11.47
CA LYS B 136 13.30 7.59 10.93
C LYS B 136 12.81 8.90 10.28
N ASP B 137 11.58 8.90 9.70
CA ASP B 137 11.15 10.25 9.17
C ASP B 137 10.72 11.11 10.33
N VAL B 138 10.09 10.70 11.45
CA VAL B 138 9.79 11.65 12.65
C VAL B 138 11.08 12.26 13.01
N GLU B 139 12.18 11.47 13.05
CA GLU B 139 13.47 12.06 13.59
C GLU B 139 13.97 13.13 12.65
N ARG B 140 13.68 13.04 11.32
CA ARG B 140 14.39 13.93 10.45
C ARG B 140 13.43 15.06 9.99
N GLN B 141 12.22 15.07 10.61
CA GLN B 141 11.19 16.08 10.09
C GLN B 141 10.49 16.66 11.28
N SER B 142 11.45 17.03 12.22
CA SER B 142 11.12 17.80 13.38
C SER B 142 10.06 19.03 13.11
N PRO B 143 10.37 19.99 12.22
CA PRO B 143 9.49 21.06 11.94
C PRO B 143 8.05 20.56 11.56
N ASN B 144 7.92 19.59 10.61
CA ASN B 144 6.57 19.10 10.29
C ASN B 144 5.95 18.35 11.48
N VAL B 145 6.66 17.57 12.29
CA VAL B 145 6.02 16.92 13.32
C VAL B 145 5.39 18.02 14.30
N PHE B 146 6.18 19.05 14.49
CA PHE B 146 5.67 20.07 15.41
C PHE B 146 4.38 20.84 14.93
N ARG B 147 4.45 21.13 13.61
CA ARG B 147 3.25 21.75 12.95
C ARG B 147 1.99 20.89 13.18
N MET B 148 2.17 19.59 12.90
CA MET B 148 1.04 18.70 13.08
C MET B 148 0.44 18.75 14.50
N ARG B 149 1.40 18.69 15.48
CA ARG B 149 0.96 18.74 16.87
C ARG B 149 0.29 20.12 17.30
N LEU B 150 0.90 21.14 16.81
CA LEU B 150 0.23 22.53 16.95
C LEU B 150 -1.17 22.55 16.43
N MET B 151 -1.44 21.82 15.32
CA MET B 151 -2.74 21.71 14.77
C MET B 151 -3.62 20.69 15.30
N GLY B 152 -3.16 20.05 16.44
CA GLY B 152 -4.04 19.15 17.19
C GLY B 152 -4.04 17.66 16.75
N ALA B 153 -3.19 17.36 15.80
CA ALA B 153 -3.22 15.91 15.37
C ALA B 153 -2.33 15.12 16.28
N GLU B 154 -2.62 13.84 16.33
CA GLU B 154 -1.78 12.78 17.09
C GLU B 154 -0.78 12.23 16.11
N VAL B 155 0.57 12.33 16.39
CA VAL B 155 1.51 11.80 15.39
C VAL B 155 1.98 10.50 16.08
N ILE B 156 1.84 9.36 15.36
CA ILE B 156 2.20 8.00 15.83
C ILE B 156 3.41 7.48 15.04
N PRO B 157 4.59 7.36 15.66
CA PRO B 157 5.74 6.84 15.01
C PRO B 157 5.61 5.40 14.72
N VAL B 158 6.18 5.01 13.53
CA VAL B 158 6.04 3.55 13.15
C VAL B 158 7.48 3.04 13.11
N HIS B 159 7.72 1.98 13.92
CA HIS B 159 9.14 1.52 14.04
C HIS B 159 9.43 0.22 13.29
N SER B 160 8.38 -0.34 12.73
CA SER B 160 8.52 -1.58 12.01
C SER B 160 9.16 -1.39 10.67
N GLY B 161 9.75 -2.48 10.13
CA GLY B 161 10.26 -2.45 8.72
C GLY B 161 11.40 -1.47 8.62
N SER B 162 11.34 -0.68 7.58
CA SER B 162 12.37 0.30 7.36
C SER B 162 12.10 1.66 8.15
N ALA B 163 10.96 1.79 8.84
CA ALA B 163 10.57 2.96 9.71
C ALA B 163 10.53 4.20 8.83
N THR B 164 10.08 3.92 7.58
CA THR B 164 9.88 5.11 6.69
C THR B 164 8.44 5.07 6.09
N LEU B 165 8.23 5.79 4.92
CA LEU B 165 6.85 5.97 4.48
C LEU B 165 6.06 4.65 4.21
N LYS B 166 6.80 3.64 3.58
CA LYS B 166 5.95 2.44 3.30
C LYS B 166 5.53 1.76 4.55
N ASP B 167 6.28 1.86 5.57
CA ASP B 167 5.95 1.22 6.87
C ASP B 167 4.79 2.00 7.51
N ALA B 168 4.78 3.34 7.30
CA ALA B 168 3.57 4.01 7.79
C ALA B 168 2.35 3.74 7.03
N CYS B 169 2.51 3.56 5.68
CA CYS B 169 1.36 3.08 4.83
C CYS B 169 0.85 1.75 5.34
N ASN B 170 1.75 0.79 5.68
CA ASN B 170 1.18 -0.50 6.20
C ASN B 170 0.39 -0.30 7.49
N GLU B 171 0.94 0.60 8.36
CA GLU B 171 0.23 0.80 9.65
C GLU B 171 -1.09 1.46 9.51
N ALA B 172 -1.28 2.39 8.55
CA ALA B 172 -2.61 2.84 8.33
C ALA B 172 -3.52 1.79 7.90
N LEU B 173 -3.03 0.89 7.00
CA LEU B 173 -3.88 -0.19 6.49
C LEU B 173 -4.12 -1.24 7.58
N ARG B 174 -3.29 -1.37 8.62
CA ARG B 174 -3.65 -2.22 9.70
C ARG B 174 -4.64 -1.56 10.65
N ASP B 175 -4.70 -0.24 10.80
CA ASP B 175 -5.67 0.35 11.74
C ASP B 175 -7.07 0.44 11.10
N TRP B 176 -7.16 0.79 9.79
CA TRP B 176 -8.46 1.04 9.26
C TRP B 176 -9.49 -0.12 9.38
N PRO B 177 -9.18 -1.39 9.24
CA PRO B 177 -10.25 -2.41 9.30
C PRO B 177 -10.89 -2.37 10.68
N GLY B 178 -10.19 -1.99 11.76
CA GLY B 178 -10.88 -1.86 13.04
C GLY B 178 -11.54 -0.52 13.33
N SER B 179 -11.35 0.44 12.43
CA SER B 179 -11.91 1.76 12.67
C SER B 179 -12.74 2.40 11.56
N TYR B 180 -12.98 1.79 10.39
CA TYR B 180 -13.61 2.46 9.25
C TYR B 180 -15.06 2.97 9.42
N GLU B 181 -15.63 2.54 10.57
CA GLU B 181 -16.96 2.94 10.85
C GLU B 181 -17.07 4.42 11.24
N THR B 182 -16.03 4.82 11.91
CA THR B 182 -16.07 6.24 12.32
C THR B 182 -14.81 6.99 11.80
N ALA B 183 -13.84 6.29 11.15
CA ALA B 183 -12.62 6.95 10.67
C ALA B 183 -12.47 6.75 9.11
N HIS B 184 -11.99 7.83 8.55
CA HIS B 184 -11.81 7.75 7.10
C HIS B 184 -10.31 7.69 6.99
N TYR B 185 -9.65 7.01 6.05
CA TYR B 185 -8.21 6.94 5.77
C TYR B 185 -7.93 7.97 4.64
N MET B 186 -7.25 9.08 4.95
CA MET B 186 -7.01 10.09 3.95
C MET B 186 -5.62 9.86 3.42
N LEU B 187 -5.67 9.05 2.37
CA LEU B 187 -4.49 8.68 1.64
C LEU B 187 -3.84 9.89 0.93
N GLY B 188 -2.51 9.91 0.84
CA GLY B 188 -1.80 11.10 0.44
C GLY B 188 -1.31 11.31 -1.00
N THR B 189 -1.68 10.36 -1.87
CA THR B 189 -1.31 10.55 -3.27
C THR B 189 -2.28 9.77 -4.18
N ALA B 190 -2.01 9.88 -5.47
CA ALA B 190 -3.01 9.18 -6.40
C ALA B 190 -2.60 7.72 -6.67
N ALA B 191 -2.59 7.03 -5.54
CA ALA B 191 -2.19 5.65 -5.61
C ALA B 191 -2.87 4.89 -4.53
N GLY B 192 -2.49 3.63 -4.30
CA GLY B 192 -3.29 2.84 -3.35
C GLY B 192 -4.48 2.15 -4.08
N PRO B 193 -5.30 1.48 -3.27
CA PRO B 193 -6.41 0.77 -3.90
C PRO B 193 -7.48 1.70 -4.37
N HIS B 194 -8.17 1.31 -5.46
CA HIS B 194 -9.39 2.04 -5.81
C HIS B 194 -10.30 2.16 -4.67
N PRO B 195 -10.94 3.28 -4.46
CA PRO B 195 -11.01 4.41 -5.38
C PRO B 195 -10.00 5.51 -5.23
N TYR B 196 -8.93 5.33 -4.48
CA TYR B 196 -8.09 6.48 -4.18
C TYR B 196 -7.47 7.06 -5.44
N PRO B 197 -6.91 6.38 -6.46
CA PRO B 197 -6.27 7.07 -7.61
C PRO B 197 -7.28 7.93 -8.28
N THR B 198 -8.54 7.55 -8.35
CA THR B 198 -9.47 8.32 -9.06
C THR B 198 -9.93 9.51 -8.16
N ILE B 199 -10.14 9.32 -6.85
CA ILE B 199 -10.63 10.42 -5.99
C ILE B 199 -9.57 11.53 -5.91
N VAL B 200 -8.27 11.10 -5.77
CA VAL B 200 -7.20 12.15 -5.61
C VAL B 200 -7.07 12.85 -6.87
N ARG B 201 -7.07 12.19 -8.08
CA ARG B 201 -7.09 12.94 -9.38
C ARG B 201 -8.22 13.96 -9.43
N GLU B 202 -9.42 13.47 -9.08
CA GLU B 202 -10.55 14.47 -9.26
C GLU B 202 -10.48 15.68 -8.30
N PHE B 203 -9.89 15.42 -7.10
CA PHE B 203 -9.69 16.47 -6.21
C PHE B 203 -8.43 17.31 -6.36
N GLN B 204 -7.64 16.96 -7.42
CA GLN B 204 -6.53 17.83 -7.76
C GLN B 204 -6.63 18.45 -9.23
N ARG B 205 -7.76 18.08 -9.88
CA ARG B 205 -7.84 18.39 -11.38
C ARG B 205 -8.05 19.89 -11.57
N MET B 206 -8.35 20.66 -10.52
CA MET B 206 -8.44 22.09 -10.68
C MET B 206 -7.07 22.72 -11.07
N ILE B 207 -5.99 22.00 -10.76
CA ILE B 207 -4.61 22.51 -11.18
C ILE B 207 -4.57 22.70 -12.68
N GLY B 208 -4.89 21.62 -13.35
CA GLY B 208 -4.86 21.73 -14.82
C GLY B 208 -6.00 22.53 -15.44
N GLU B 209 -7.20 22.45 -14.77
CA GLU B 209 -8.30 23.25 -15.32
C GLU B 209 -7.95 24.76 -15.27
N GLU B 210 -7.41 25.20 -14.12
CA GLU B 210 -7.07 26.62 -14.05
C GLU B 210 -5.93 27.00 -15.08
N THR B 211 -4.90 26.07 -15.14
CA THR B 211 -3.76 26.27 -16.06
C THR B 211 -4.29 26.42 -17.51
N LYS B 212 -5.24 25.55 -17.90
CA LYS B 212 -5.75 25.74 -19.30
C LYS B 212 -6.44 27.12 -19.50
N ALA B 213 -7.29 27.51 -18.53
CA ALA B 213 -7.92 28.82 -18.69
C ALA B 213 -6.98 29.92 -18.68
N GLN B 214 -6.00 29.82 -17.79
CA GLN B 214 -4.98 30.90 -17.65
C GLN B 214 -4.05 30.98 -18.91
N ILE B 215 -3.65 29.83 -19.41
CA ILE B 215 -2.74 29.94 -20.61
C ILE B 215 -3.57 30.35 -21.81
N LEU B 216 -4.81 29.90 -21.94
CA LEU B 216 -5.56 30.48 -23.12
C LEU B 216 -5.74 31.98 -22.97
N ASP B 217 -6.02 32.48 -21.78
CA ASP B 217 -6.07 33.97 -21.61
C ASP B 217 -4.78 34.61 -21.94
N LYS B 218 -3.66 34.07 -21.54
CA LYS B 218 -2.45 34.83 -21.71
C LYS B 218 -1.74 34.58 -23.05
N GLU B 219 -1.93 33.46 -23.69
CA GLU B 219 -1.15 33.17 -24.95
C GLU B 219 -2.16 32.78 -26.00
N GLY B 220 -3.41 32.58 -25.75
CA GLY B 220 -4.37 32.21 -26.84
C GLY B 220 -4.25 30.86 -27.45
N ARG B 221 -3.57 29.91 -26.74
CA ARG B 221 -3.45 28.57 -27.26
C ARG B 221 -2.98 27.68 -26.10
N LEU B 222 -3.02 26.39 -26.30
CA LEU B 222 -2.55 25.51 -25.20
C LEU B 222 -1.05 25.36 -25.22
N PRO B 223 -0.57 24.84 -24.08
CA PRO B 223 0.88 24.60 -24.00
C PRO B 223 1.40 23.59 -24.98
N ASP B 224 2.66 23.63 -25.34
CA ASP B 224 3.24 22.49 -26.05
C ASP B 224 3.47 21.31 -25.07
N ALA B 225 3.72 21.60 -23.76
CA ALA B 225 3.86 20.44 -22.79
C ALA B 225 3.61 21.07 -21.43
N VAL B 226 3.11 20.21 -20.60
CA VAL B 226 3.02 20.49 -19.12
C VAL B 226 3.85 19.44 -18.46
N ILE B 227 4.59 19.90 -17.41
CA ILE B 227 5.68 19.11 -16.86
C ILE B 227 5.51 19.12 -15.34
N ALA B 228 5.54 17.98 -14.70
CA ALA B 228 5.31 17.86 -13.25
C ALA B 228 6.13 16.75 -12.68
N CYS B 229 6.61 16.97 -11.45
CA CYS B 229 7.33 15.86 -10.81
C CYS B 229 6.39 14.74 -10.35
N VAL B 230 6.92 13.52 -10.13
CA VAL B 230 6.07 12.34 -9.87
C VAL B 230 6.71 11.62 -8.68
N GLY B 231 6.14 11.75 -7.44
CA GLY B 231 6.53 11.00 -6.28
C GLY B 231 5.59 9.85 -6.19
N GLY B 232 4.31 10.08 -5.85
CA GLY B 232 3.21 9.12 -6.00
C GLY B 232 2.33 9.45 -7.19
N GLY B 233 2.26 10.71 -7.66
CA GLY B 233 1.54 11.04 -8.87
C GLY B 233 0.41 12.11 -8.72
N SER B 234 0.17 12.59 -7.49
CA SER B 234 -0.97 13.50 -7.35
C SER B 234 -0.91 14.86 -8.03
N ASN B 235 0.23 15.55 -7.84
CA ASN B 235 0.29 16.87 -8.51
C ASN B 235 0.35 16.72 -10.00
N ALA B 236 1.07 15.67 -10.46
CA ALA B 236 1.07 15.53 -11.93
C ALA B 236 -0.23 15.13 -12.53
N ILE B 237 -0.95 14.16 -11.86
CA ILE B 237 -2.19 13.85 -12.53
C ILE B 237 -3.20 15.06 -12.40
N GLY B 238 -3.04 15.86 -11.35
CA GLY B 238 -3.96 17.05 -11.20
C GLY B 238 -3.61 18.09 -12.31
N MET B 239 -2.31 18.23 -12.73
CA MET B 239 -2.04 19.01 -13.89
C MET B 239 -2.38 18.40 -15.14
N PHE B 240 -2.21 17.08 -15.29
CA PHE B 240 -2.45 16.44 -16.60
C PHE B 240 -3.96 16.26 -16.87
N ALA B 241 -4.80 16.04 -15.90
CA ALA B 241 -6.11 15.44 -16.31
C ALA B 241 -6.89 16.24 -17.35
N ASP B 242 -6.95 17.56 -17.16
CA ASP B 242 -7.85 18.30 -18.05
C ASP B 242 -7.17 18.40 -19.40
N PHE B 243 -5.91 18.01 -19.60
CA PHE B 243 -5.28 18.07 -20.87
C PHE B 243 -5.23 16.67 -21.56
N ILE B 244 -5.68 15.56 -20.93
CA ILE B 244 -5.49 14.20 -21.53
C ILE B 244 -6.15 14.22 -22.91
N ASN B 245 -7.30 14.85 -23.07
CA ASN B 245 -7.92 14.72 -24.37
C ASN B 245 -7.48 15.82 -25.34
N ASP B 246 -6.56 16.71 -24.97
CA ASP B 246 -5.98 17.68 -25.89
C ASP B 246 -4.73 17.03 -26.43
N THR B 247 -4.85 16.31 -27.51
CA THR B 247 -3.77 15.37 -27.93
C THR B 247 -2.46 16.12 -28.31
N SER B 248 -2.46 17.40 -28.66
CA SER B 248 -1.25 18.09 -28.97
C SER B 248 -0.47 18.52 -27.75
N VAL B 249 -1.10 18.39 -26.60
CA VAL B 249 -0.39 18.87 -25.36
C VAL B 249 0.51 17.72 -24.81
N GLY B 250 1.84 17.84 -24.76
CA GLY B 250 2.66 16.82 -24.10
C GLY B 250 2.44 16.78 -22.60
N LEU B 251 2.50 15.59 -22.03
CA LEU B 251 2.38 15.38 -20.60
C LEU B 251 3.65 14.76 -20.19
N ILE B 252 4.54 15.44 -19.45
CA ILE B 252 5.86 14.91 -19.10
C ILE B 252 5.87 14.80 -17.52
N GLY B 253 6.06 13.60 -17.08
CA GLY B 253 6.28 13.39 -15.61
C GLY B 253 7.73 13.11 -15.33
N VAL B 254 8.16 13.73 -14.18
CA VAL B 254 9.58 13.59 -13.86
C VAL B 254 9.82 12.83 -12.56
N GLU B 255 10.40 11.65 -12.61
CA GLU B 255 10.71 10.94 -11.44
C GLU B 255 12.14 11.31 -10.90
N PRO B 256 12.38 11.11 -9.65
CA PRO B 256 13.77 11.42 -9.16
C PRO B 256 14.77 10.38 -9.57
N GLY B 257 15.83 10.91 -10.13
CA GLY B 257 16.93 9.99 -10.53
C GLY B 257 18.01 9.90 -9.42
N GLY B 258 17.85 10.61 -8.30
CA GLY B 258 18.77 10.41 -7.15
C GLY B 258 20.22 10.64 -7.57
N HIS B 259 21.06 9.62 -7.24
CA HIS B 259 22.49 9.78 -7.60
C HIS B 259 22.73 9.36 -9.04
N GLY B 260 21.71 8.92 -9.78
CA GLY B 260 21.81 8.56 -11.15
C GLY B 260 21.20 7.15 -11.27
N ILE B 261 20.42 6.95 -12.37
CA ILE B 261 19.71 5.63 -12.55
C ILE B 261 20.74 4.44 -12.52
N GLU B 262 21.86 4.46 -13.22
CA GLU B 262 22.87 3.41 -13.02
C GLU B 262 23.33 3.13 -11.59
N THR B 263 23.27 4.09 -10.67
CA THR B 263 23.74 3.69 -9.34
C THR B 263 22.74 2.86 -8.63
N GLY B 264 21.52 2.77 -9.13
CA GLY B 264 20.48 2.08 -8.35
C GLY B 264 19.91 2.96 -7.23
N GLU B 265 20.48 4.13 -6.90
CA GLU B 265 20.04 4.89 -5.75
C GLU B 265 19.14 5.98 -6.41
N HIS B 266 17.82 5.65 -6.69
CA HIS B 266 16.95 6.59 -7.36
C HIS B 266 15.52 6.27 -6.78
N GLY B 267 14.56 7.03 -7.41
CA GLY B 267 13.14 6.79 -7.01
C GLY B 267 12.33 6.82 -8.20
N ALA B 268 12.73 6.05 -9.23
CA ALA B 268 12.05 6.07 -10.52
C ALA B 268 11.46 4.70 -10.97
N PRO B 269 10.46 4.24 -10.16
CA PRO B 269 9.96 2.93 -10.48
C PRO B 269 9.16 2.88 -11.77
N LEU B 270 8.50 3.96 -12.20
CA LEU B 270 7.70 3.82 -13.48
C LEU B 270 8.60 3.41 -14.56
N LYS B 271 9.81 4.04 -14.70
CA LYS B 271 10.59 3.68 -15.87
C LYS B 271 11.69 2.70 -15.52
N HIS B 272 12.04 2.54 -14.25
CA HIS B 272 13.21 1.65 -13.91
C HIS B 272 12.92 0.59 -12.87
N GLY B 273 11.63 0.45 -12.47
CA GLY B 273 11.25 -0.58 -11.43
C GLY B 273 10.65 -1.70 -12.20
N ARG B 274 9.85 -2.53 -11.46
CA ARG B 274 9.07 -3.74 -12.06
C ARG B 274 7.65 -3.68 -11.38
N VAL B 275 6.77 -4.10 -12.26
CA VAL B 275 5.36 -4.16 -11.72
C VAL B 275 5.30 -5.20 -10.57
N GLY B 276 4.57 -4.76 -9.52
CA GLY B 276 4.29 -5.65 -8.39
C GLY B 276 2.95 -5.38 -7.85
N ILE B 277 2.64 -6.01 -6.71
CA ILE B 277 1.38 -5.71 -6.04
C ILE B 277 1.68 -5.42 -4.63
N TYR B 278 1.32 -4.19 -4.23
CA TYR B 278 1.57 -3.74 -2.83
C TYR B 278 0.81 -2.42 -2.66
N PHE B 279 0.62 -2.14 -1.35
CA PHE B 279 -0.32 -1.01 -1.05
C PHE B 279 -1.53 -0.99 -1.81
N GLY B 280 -2.17 -2.08 -1.98
CA GLY B 280 -3.50 -2.05 -2.50
C GLY B 280 -3.63 -2.05 -4.00
N MET B 281 -2.48 -2.09 -4.73
CA MET B 281 -2.56 -1.83 -6.13
C MET B 281 -1.51 -2.65 -6.91
N LYS B 282 -1.75 -2.90 -8.19
CA LYS B 282 -0.75 -3.42 -9.12
C LYS B 282 -0.18 -2.20 -9.81
N ALA B 283 1.21 -2.04 -9.67
CA ALA B 283 1.80 -0.85 -10.28
C ALA B 283 3.28 -1.11 -10.29
N PRO B 284 4.05 -0.32 -11.03
CA PRO B 284 5.56 -0.40 -10.90
C PRO B 284 6.07 -0.07 -9.57
N MET B 285 7.04 -0.87 -9.02
CA MET B 285 7.45 -0.76 -7.58
C MET B 285 8.99 -0.74 -7.56
N MET B 286 9.54 -0.07 -6.55
CA MET B 286 10.91 -0.32 -6.14
C MET B 286 10.88 -1.65 -5.35
N GLN B 287 11.54 -2.61 -5.87
CA GLN B 287 11.56 -3.97 -5.17
C GLN B 287 12.84 -4.72 -5.54
N THR B 288 13.16 -5.63 -4.62
CA THR B 288 14.24 -6.48 -4.88
C THR B 288 13.96 -7.56 -5.94
N ALA B 289 14.93 -8.32 -6.39
CA ALA B 289 14.63 -9.46 -7.41
C ALA B 289 13.59 -10.55 -6.92
N ASP B 290 13.67 -10.67 -5.55
CA ASP B 290 12.77 -11.63 -5.01
C ASP B 290 11.47 -11.05 -4.52
N GLY B 291 11.20 -9.77 -4.75
CA GLY B 291 9.88 -9.21 -4.46
C GLY B 291 9.68 -8.54 -3.09
N GLN B 292 10.84 -8.20 -2.42
CA GLN B 292 10.70 -7.43 -1.17
C GLN B 292 10.59 -5.91 -1.60
N ILE B 293 9.74 -5.08 -0.96
CA ILE B 293 9.62 -3.70 -1.42
C ILE B 293 10.77 -2.95 -0.73
N GLU B 294 11.26 -2.00 -1.61
CA GLU B 294 12.39 -1.16 -1.18
C GLU B 294 12.02 0.28 -1.15
N GLU B 295 12.91 1.12 -0.59
CA GLU B 295 12.56 2.62 -0.45
C GLU B 295 13.01 3.32 -1.84
N SER B 296 12.40 4.55 -2.03
CA SER B 296 12.89 5.35 -3.14
C SER B 296 13.97 6.30 -2.50
N TYR B 297 15.04 6.56 -3.27
CA TYR B 297 16.08 7.54 -2.82
C TYR B 297 15.94 8.79 -3.70
N SER B 298 15.91 9.93 -2.99
CA SER B 298 16.05 11.22 -3.65
C SER B 298 16.54 12.23 -2.64
N ILE B 299 17.24 13.25 -3.16
CA ILE B 299 17.54 14.35 -2.24
C ILE B 299 16.28 15.04 -1.70
N SER B 300 15.22 14.94 -2.49
CA SER B 300 13.94 15.48 -2.00
C SER B 300 13.19 14.46 -1.25
N ALA B 301 12.89 14.79 0.00
CA ALA B 301 12.30 13.81 0.78
C ALA B 301 10.86 13.48 0.41
N GLY B 302 10.25 14.37 -0.30
CA GLY B 302 8.84 14.20 -0.67
C GLY B 302 8.57 13.36 -1.88
N LEU B 303 9.66 12.96 -2.62
CA LEU B 303 9.51 12.05 -3.74
C LEU B 303 9.83 10.62 -3.23
N ASP B 304 9.44 10.24 -1.98
CA ASP B 304 9.84 8.95 -1.37
C ASP B 304 8.82 7.82 -1.56
N PHE B 305 7.69 8.07 -2.15
CA PHE B 305 6.76 6.90 -2.32
C PHE B 305 7.36 5.89 -3.24
N PRO B 306 7.47 4.64 -2.85
CA PRO B 306 8.28 3.65 -3.63
C PRO B 306 7.57 2.95 -4.81
N SER B 307 6.45 3.55 -5.18
CA SER B 307 5.77 3.09 -6.41
C SER B 307 5.30 4.34 -7.08
N VAL B 308 4.20 4.21 -7.80
CA VAL B 308 3.66 5.30 -8.59
C VAL B 308 2.15 5.07 -8.86
N GLY B 309 1.47 6.15 -8.97
CA GLY B 309 -0.01 5.90 -9.23
C GLY B 309 -0.32 5.11 -10.53
N PRO B 310 -1.30 4.24 -10.51
CA PRO B 310 -1.54 3.39 -11.66
C PRO B 310 -1.94 4.10 -12.92
N GLN B 311 -2.61 5.27 -12.82
CA GLN B 311 -2.99 5.99 -14.06
C GLN B 311 -1.70 6.51 -14.74
N HIS B 312 -0.63 6.84 -13.99
CA HIS B 312 0.58 7.23 -14.80
C HIS B 312 1.18 6.02 -15.48
N ALA B 313 1.16 4.84 -14.78
CA ALA B 313 1.81 3.67 -15.54
C ALA B 313 0.93 3.42 -16.78
N TYR B 314 -0.43 3.58 -16.72
CA TYR B 314 -1.22 3.37 -17.91
C TYR B 314 -0.98 4.45 -18.96
N LEU B 315 -0.90 5.72 -18.55
CA LEU B 315 -0.73 6.76 -19.61
C LEU B 315 0.66 6.60 -20.26
N ASN B 316 1.64 6.13 -19.50
CA ASN B 316 2.96 5.72 -20.14
C ASN B 316 2.76 4.56 -21.12
N SER B 317 2.00 3.52 -20.72
CA SER B 317 2.01 2.34 -21.61
C SER B 317 1.38 2.62 -22.95
N ILE B 318 0.43 3.51 -22.97
CA ILE B 318 -0.26 3.81 -24.25
C ILE B 318 0.47 4.89 -24.94
N GLY B 319 1.48 5.51 -24.45
CA GLY B 319 2.17 6.60 -25.11
C GLY B 319 1.56 8.02 -25.01
N ARG B 320 0.63 8.14 -24.05
CA ARG B 320 -0.01 9.49 -23.98
C ARG B 320 0.86 10.43 -23.13
N ALA B 321 1.48 9.87 -22.10
CA ALA B 321 2.41 10.67 -21.31
C ALA B 321 3.79 10.11 -21.40
N ASP B 322 4.83 10.90 -21.23
CA ASP B 322 6.20 10.49 -21.24
C ASP B 322 6.83 10.73 -19.92
N TYR B 323 7.65 9.81 -19.45
CA TYR B 323 8.18 10.00 -18.09
C TYR B 323 9.69 9.91 -18.24
N VAL B 324 10.38 10.80 -17.50
CA VAL B 324 11.87 11.02 -17.49
C VAL B 324 12.32 11.10 -16.10
N SER B 325 13.65 11.23 -15.89
CA SER B 325 14.18 11.36 -14.55
C SER B 325 15.20 12.53 -14.54
N ILE B 326 15.35 13.07 -13.31
CA ILE B 326 16.31 14.21 -13.08
C ILE B 326 17.04 13.90 -11.84
N THR B 327 18.39 14.11 -11.82
CA THR B 327 19.16 13.70 -10.68
C THR B 327 19.16 14.78 -9.61
N ASP B 328 19.67 14.35 -8.45
CA ASP B 328 19.77 15.29 -7.36
C ASP B 328 20.54 16.63 -7.78
N ASP B 329 21.67 16.45 -8.52
CA ASP B 329 22.39 17.69 -8.80
C ASP B 329 21.62 18.45 -9.86
N GLU B 330 20.90 17.86 -10.82
CA GLU B 330 20.08 18.78 -11.71
C GLU B 330 19.02 19.45 -10.92
N ALA B 331 18.35 18.79 -9.96
CA ALA B 331 17.30 19.48 -9.20
C ALA B 331 17.87 20.62 -8.43
N LEU B 332 19.06 20.33 -7.83
CA LEU B 332 19.68 21.45 -7.01
C LEU B 332 19.99 22.66 -7.88
N GLU B 333 20.54 22.41 -9.10
CA GLU B 333 20.80 23.56 -10.02
C GLU B 333 19.53 24.31 -10.36
N ALA B 334 18.45 23.59 -10.60
CA ALA B 334 17.21 24.30 -10.97
C ALA B 334 16.68 25.09 -9.71
N PHE B 335 16.87 24.56 -8.49
CA PHE B 335 16.43 25.35 -7.38
C PHE B 335 17.23 26.66 -7.26
N LYS B 336 18.55 26.53 -7.43
CA LYS B 336 19.34 27.76 -7.36
C LYS B 336 19.03 28.71 -8.44
N THR B 337 18.82 28.19 -9.64
CA THR B 337 18.50 29.08 -10.74
C THR B 337 17.15 29.83 -10.55
N LEU B 338 16.13 29.17 -10.07
CA LEU B 338 14.80 29.95 -9.86
C LEU B 338 14.98 30.99 -8.71
N CYS B 339 15.69 30.59 -7.70
CA CYS B 339 15.83 31.57 -6.56
C CYS B 339 16.48 32.89 -7.14
N ARG B 340 17.60 32.67 -7.90
CA ARG B 340 18.40 33.86 -8.31
C ARG B 340 17.74 34.57 -9.48
N HIS B 341 17.03 33.93 -10.40
CA HIS B 341 16.54 34.69 -11.54
C HIS B 341 15.10 34.98 -11.51
N GLU B 342 14.27 34.40 -10.59
CA GLU B 342 12.88 34.82 -10.55
C GLU B 342 12.46 35.17 -9.13
N GLY B 343 13.33 35.02 -8.13
CA GLY B 343 12.98 35.33 -6.70
C GLY B 343 11.88 34.44 -6.20
N ILE B 344 11.85 33.16 -6.63
CA ILE B 344 10.92 32.19 -6.14
C ILE B 344 11.74 30.98 -5.61
N ILE B 345 11.51 30.54 -4.38
CA ILE B 345 12.23 29.41 -3.79
C ILE B 345 11.38 28.19 -3.99
N PRO B 346 11.69 27.28 -4.85
CA PRO B 346 10.80 26.13 -5.17
C PRO B 346 11.12 24.98 -4.28
N ALA B 347 10.10 24.10 -4.00
CA ALA B 347 10.42 22.87 -3.27
C ALA B 347 11.43 22.05 -4.13
N LEU B 348 12.24 21.28 -3.38
CA LEU B 348 13.12 20.41 -4.20
C LEU B 348 12.36 19.37 -4.98
N GLU B 349 11.12 18.99 -4.61
CA GLU B 349 10.39 18.03 -5.42
C GLU B 349 10.10 18.75 -6.78
N SER B 350 9.46 19.97 -6.74
CA SER B 350 9.13 20.66 -7.92
C SER B 350 10.33 21.07 -8.75
N SER B 351 11.47 21.24 -8.13
CA SER B 351 12.74 21.54 -8.78
C SER B 351 13.10 20.44 -9.77
N HIS B 352 12.58 19.21 -9.58
CA HIS B 352 12.91 18.18 -10.58
C HIS B 352 12.13 18.49 -11.89
N ALA B 353 10.85 18.92 -11.79
CA ALA B 353 10.10 19.31 -12.99
C ALA B 353 10.75 20.52 -13.62
N LEU B 354 11.19 21.53 -12.86
CA LEU B 354 11.82 22.76 -13.47
C LEU B 354 13.11 22.34 -14.18
N ALA B 355 13.85 21.46 -13.51
CA ALA B 355 15.15 20.99 -14.15
C ALA B 355 14.92 20.38 -15.53
N HIS B 356 13.83 19.59 -15.62
CA HIS B 356 13.61 19.02 -16.96
C HIS B 356 13.21 20.05 -17.98
N ALA B 357 12.35 21.05 -17.59
CA ALA B 357 12.07 22.17 -18.52
C ALA B 357 13.36 22.95 -18.89
N LEU B 358 14.22 23.15 -17.92
CA LEU B 358 15.43 23.83 -18.31
C LEU B 358 16.27 22.99 -19.32
N LYS B 359 16.31 21.67 -19.17
CA LYS B 359 17.06 20.90 -20.12
C LYS B 359 16.34 20.98 -21.45
N MET B 360 14.98 20.98 -21.61
CA MET B 360 14.28 21.05 -22.88
C MET B 360 14.70 22.37 -23.50
N MET B 361 14.81 23.50 -22.81
CA MET B 361 15.17 24.80 -23.31
C MET B 361 16.67 24.77 -23.67
N ARG B 362 17.51 24.35 -22.78
CA ARG B 362 18.96 24.52 -23.02
C ARG B 362 19.43 23.57 -24.17
N GLU B 363 18.85 22.42 -24.28
CA GLU B 363 19.31 21.34 -25.20
C GLU B 363 19.00 21.80 -26.64
N GLN B 364 17.89 22.50 -26.78
CA GLN B 364 17.39 23.05 -28.10
C GLN B 364 16.96 24.55 -28.03
N PRO B 365 17.97 25.44 -27.92
CA PRO B 365 17.56 26.80 -27.55
C PRO B 365 16.80 27.61 -28.61
N GLU B 366 16.89 27.17 -29.88
CA GLU B 366 16.13 27.79 -30.90
C GLU B 366 14.83 27.03 -31.23
N LYS B 367 14.44 26.05 -30.42
CA LYS B 367 13.12 25.44 -30.64
C LYS B 367 12.02 26.30 -29.97
N GLU B 368 11.06 26.65 -30.72
CA GLU B 368 9.92 27.44 -30.16
C GLU B 368 9.05 26.48 -29.41
N GLN B 369 8.91 26.80 -28.12
CA GLN B 369 8.08 25.96 -27.28
C GLN B 369 7.44 26.70 -26.10
N LEU B 370 6.20 26.40 -25.84
CA LEU B 370 5.44 26.98 -24.68
C LEU B 370 5.26 25.93 -23.63
N LEU B 371 5.90 26.16 -22.53
CA LEU B 371 6.02 25.07 -21.43
C LEU B 371 5.33 25.58 -20.15
N VAL B 372 4.63 24.70 -19.46
CA VAL B 372 4.15 25.05 -18.09
C VAL B 372 4.77 23.99 -17.17
N VAL B 373 5.43 24.41 -16.13
CA VAL B 373 5.96 23.54 -15.02
C VAL B 373 4.91 23.65 -13.88
N ASN B 374 4.51 22.56 -13.27
CA ASN B 374 3.67 22.72 -12.06
C ASN B 374 4.63 22.86 -10.89
N LEU B 375 4.56 24.08 -10.29
CA LEU B 375 5.43 24.37 -9.16
C LEU B 375 4.67 23.90 -7.92
N SER B 376 4.84 22.60 -7.63
CA SER B 376 3.95 21.90 -6.65
C SER B 376 4.08 22.47 -5.27
N GLY B 377 5.23 23.06 -4.90
CA GLY B 377 5.35 23.58 -3.53
C GLY B 377 6.45 24.59 -3.45
N ARG B 378 6.43 25.25 -2.28
CA ARG B 378 7.53 26.24 -1.96
C ARG B 378 8.68 25.45 -1.23
N GLY B 379 9.89 26.13 -1.28
CA GLY B 379 11.08 25.43 -0.85
C GLY B 379 11.70 26.04 0.38
N ASP B 380 11.00 26.88 1.11
CA ASP B 380 11.60 27.34 2.44
C ASP B 380 12.01 26.13 3.21
N LYS B 381 11.28 25.01 3.28
CA LYS B 381 11.66 23.80 3.96
C LYS B 381 13.01 23.23 3.51
N ASP B 382 13.46 23.53 2.35
CA ASP B 382 14.71 22.91 1.81
C ASP B 382 15.94 23.79 1.95
N ILE B 383 15.84 25.00 2.54
CA ILE B 383 16.96 25.94 2.28
C ILE B 383 18.21 25.48 3.03
N PHE B 384 18.02 24.80 4.08
CA PHE B 384 19.36 24.34 4.59
C PHE B 384 19.78 22.94 4.08
N THR B 385 18.90 22.17 3.54
CA THR B 385 19.46 21.01 2.81
C THR B 385 20.34 21.57 1.71
N VAL B 386 19.89 22.62 0.99
CA VAL B 386 20.55 23.21 -0.10
C VAL B 386 21.83 23.87 0.55
N HIS B 387 21.68 24.53 1.70
CA HIS B 387 22.94 25.05 2.42
C HIS B 387 23.89 24.18 2.75
N ASP B 388 23.48 23.15 3.40
CA ASP B 388 24.51 22.24 3.88
C ASP B 388 25.27 21.57 2.77
N ILE B 389 24.61 21.29 1.62
CA ILE B 389 25.33 20.71 0.53
C ILE B 389 26.21 21.62 -0.16
N LEU B 390 25.73 22.77 -0.46
CA LEU B 390 26.65 23.65 -1.09
C LEU B 390 27.63 23.98 0.14
P 13P C . -3.28 -14.92 15.46
O1P 13P C . -4.18 -13.85 16.17
O2P 13P C . -1.77 -14.39 15.15
O3P 13P C . -3.40 -16.34 16.18
O1 13P C . -4.00 -15.16 14.08
C1 13P C . -3.43 -16.23 13.28
C2 13P C . -2.51 -15.51 12.18
O2 13P C . -1.27 -15.46 12.85
C3 13P C . -1.98 -16.44 10.99
O3 13P C . -3.25 -16.99 10.41
NA NA D . 7.49 7.08 -6.70
N1 PLP E . 5.69 18.24 -4.49
C2 PLP E . 5.48 18.62 -3.21
C2A PLP E . 5.80 20.06 -3.02
C3 PLP E . 5.19 17.71 -2.31
O3 PLP E . 4.97 18.18 -1.02
C4 PLP E . 4.97 16.44 -2.61
C4A PLP E . 4.60 15.43 -1.56
C5 PLP E . 5.21 15.96 -3.91
C6 PLP E . 5.51 16.88 -4.81
C5A PLP E . 5.06 14.48 -4.39
O4P PLP E . 3.73 13.88 -4.33
P PLP E . 2.89 13.69 -5.56
O1P PLP E . 1.71 12.91 -5.08
O2P PLP E . 3.66 12.96 -6.61
O3P PLP E . 2.42 15.01 -6.06
#